data_9D1R
#
_entry.id   9D1R
#
_cell.length_a   58.369
_cell.length_b   92.356
_cell.length_c   105.309
_cell.angle_alpha   90.00
_cell.angle_beta   90.00
_cell.angle_gamma   90.00
#
_symmetry.space_group_name_H-M   'P 21 21 21'
#
loop_
_entity.id
_entity.type
_entity.pdbx_description
1 polymer 'Carboxylic ester hydrolase'
2 non-polymer 1,2-ETHANEDIOL
3 non-polymer (4S)-2-METHYL-2,4-PENTANEDIOL
4 non-polymer DI(HYDROXYETHYL)ETHER
5 water water
#
_entity_poly.entity_id   1
_entity_poly.type   'polypeptide(L)'
_entity_poly.pdbx_seq_one_letter_code
;MNFNVSLMEKLKWKI(MLY)CIENKFLNYRLTTNETVVAETEYG(MLY)VKGV(MLY)RLTVYDDSYYSFEGIPYAQPPV
GELRF(MLY)APQRPTPWDGVRDCCNH(MLZ)DKSVQVDFIAGKVCGSEDCLYLSVYTNNLNPET(MLY)RPVLVYIHGG
DFIIGENHRDMYGPDYFI(M3L)KDVVLINIQYRLGALGFLSLNSEDLNVPGNAGLKDQVMALRWI(MLZ)NNCANFGGN
PDNITVFGESAGAASTHYMMLTEQTRGLFHRGILMSGNAICPWANTQCQHRAFTLAKLAGYKGEDNDKDVLEFLMKA
(MLY)PQDLIKLEEKVLTLEERTNMVVFPFGPTVEPYQTADCVLPKHPREMV(MLZ)TAWGNSIPTMMGNTSYEGLFFTS
ILKQTPMLVKELETCVNFVPSELADAERTAPETLEMGA(MLY)I(MLY)KAHVTGETPTADNFMDLCSHIYFWFPMHRLL
QLRFNHTSGTPVYLYRFDFDSEDLINPYRIMRSGRGV(MLY)GVSHADELSYFFWNQLAKRMPKESREY(MLY)TIERMT
GIWIQFATTGNPYSNEIEGMENVSWDPIKKSDEVY(MLZ)CLNISDELKMIDVPEMD(MLY)I(MLY)QWESMFE(MLY)
HRDLF
;
_entity_poly.pdbx_strand_id   A
#
loop_
_chem_comp.id
_chem_comp.type
_chem_comp.name
_chem_comp.formula
EDO non-polymer 1,2-ETHANEDIOL 'C2 H6 O2'
MPD non-polymer (4S)-2-METHYL-2,4-PENTANEDIOL 'C6 H14 O2'
PEG non-polymer DI(HYDROXYETHYL)ETHER 'C4 H10 O3'
#
# COMPACT_ATOMS: atom_id res chain seq x y z
N ASN A 4 -5.75 21.54 3.60
CA ASN A 4 -4.56 21.57 2.75
C ASN A 4 -4.92 21.79 1.28
N VAL A 5 -6.14 21.40 0.90
CA VAL A 5 -6.59 21.53 -0.49
C VAL A 5 -7.37 22.83 -0.62
N SER A 6 -7.09 23.58 -1.67
CA SER A 6 -7.70 24.89 -1.89
C SER A 6 -9.19 24.74 -2.24
N LEU A 7 -9.94 25.82 -1.97
CA LEU A 7 -11.36 25.84 -2.32
C LEU A 7 -11.56 25.71 -3.83
N MET A 8 -10.66 26.29 -4.62
CA MET A 8 -10.74 26.13 -6.08
C MET A 8 -10.60 24.68 -6.49
N GLU A 9 -9.64 23.97 -5.89
CA GLU A 9 -9.44 22.57 -6.26
C GLU A 9 -10.59 21.69 -5.80
N LYS A 10 -11.20 22.02 -4.66
CA LYS A 10 -12.36 21.26 -4.21
C LYS A 10 -13.52 21.39 -5.19
N LEU A 11 -13.71 22.59 -5.75
CA LEU A 11 -14.75 22.79 -6.76
C LEU A 11 -14.45 21.98 -8.02
N LYS A 12 -13.20 22.03 -8.48
CA LYS A 12 -12.82 21.25 -9.66
C LYS A 12 -13.02 19.77 -9.41
N TRP A 13 -12.73 19.32 -8.19
CA TRP A 13 -12.92 17.90 -7.86
C TRP A 13 -14.38 17.52 -7.90
N LYS A 14 -15.26 18.36 -7.31
CA LYS A 14 -16.69 18.10 -7.38
C LYS A 14 -17.17 17.97 -8.82
N ILE A 15 -16.70 18.85 -9.70
CA ILE A 15 -17.10 18.82 -11.11
C ILE A 15 -16.64 17.51 -11.77
N MLY A 16 -15.42 17.08 -11.44
CA MLY A 16 -14.91 15.81 -11.94
CB MLY A 16 -13.42 15.68 -11.61
CG MLY A 16 -12.50 16.34 -12.61
CD MLY A 16 -12.62 15.67 -13.98
CE MLY A 16 -11.60 16.19 -14.96
NZ MLY A 16 -11.82 15.62 -16.31
CH1 MLY A 16 -11.09 14.34 -16.42
CH2 MLY A 16 -11.18 16.53 -17.27
C MLY A 16 -15.70 14.61 -11.43
O MLY A 16 -15.91 13.65 -12.16
N CYS A 17 -16.16 14.67 -10.18
CA CYS A 17 -16.93 13.56 -9.63
C CYS A 17 -18.22 13.39 -10.44
N ILE A 18 -18.86 14.52 -10.75
CA ILE A 18 -20.12 14.50 -11.48
C ILE A 18 -19.90 14.01 -12.91
N GLU A 19 -18.89 14.57 -13.59
N GLU A 19 -18.89 14.57 -13.59
CA GLU A 19 -18.60 14.13 -14.95
CA GLU A 19 -18.61 14.13 -14.95
C GLU A 19 -18.27 12.65 -14.99
C GLU A 19 -18.29 12.64 -14.98
N ASN A 20 -17.54 12.16 -13.98
CA ASN A 20 -17.19 10.75 -13.95
C ASN A 20 -18.42 9.87 -13.78
N LYS A 21 -19.38 10.30 -12.96
CA LYS A 21 -20.60 9.52 -12.78
C LYS A 21 -21.31 9.31 -14.10
N PHE A 22 -21.46 10.36 -14.90
CA PHE A 22 -22.15 10.20 -16.16
C PHE A 22 -21.31 9.44 -17.19
N LEU A 23 -19.98 9.64 -17.19
CA LEU A 23 -19.13 8.81 -18.04
C LEU A 23 -19.32 7.34 -17.71
N ASN A 24 -19.40 7.01 -16.42
N ASN A 24 -19.37 7.02 -16.41
CA ASN A 24 -19.54 5.61 -16.06
CA ASN A 24 -19.57 5.65 -15.96
C ASN A 24 -20.87 5.04 -16.52
C ASN A 24 -20.85 5.06 -16.54
N TYR A 25 -21.93 5.85 -16.57
CA TYR A 25 -23.18 5.38 -17.17
C TYR A 25 -22.96 5.05 -18.64
N ARG A 26 -22.28 5.93 -19.38
CA ARG A 26 -22.07 5.70 -20.80
C ARG A 26 -21.15 4.52 -21.06
N LEU A 27 -20.30 4.14 -20.11
CA LEU A 27 -19.44 2.97 -20.24
C LEU A 27 -20.11 1.69 -19.77
N THR A 28 -21.30 1.76 -19.20
CA THR A 28 -22.01 0.56 -18.76
C THR A 28 -22.77 -0.03 -19.94
N THR A 29 -22.62 -1.35 -20.17
CA THR A 29 -23.45 -2.01 -21.16
C THR A 29 -24.67 -2.63 -20.49
N ASN A 30 -25.57 -3.18 -21.30
CA ASN A 30 -26.75 -3.86 -20.76
CA ASN A 30 -26.76 -3.86 -20.78
C ASN A 30 -26.52 -5.36 -20.56
N GLU A 31 -25.28 -5.82 -20.66
CA GLU A 31 -24.96 -7.24 -20.52
C GLU A 31 -24.53 -7.52 -19.08
N THR A 32 -25.29 -8.37 -18.39
CA THR A 32 -24.92 -8.86 -17.07
C THR A 32 -24.68 -10.35 -17.13
N VAL A 33 -23.96 -10.85 -16.12
CA VAL A 33 -23.52 -12.23 -16.09
CA VAL A 33 -23.48 -12.23 -16.08
C VAL A 33 -23.49 -12.71 -14.65
N VAL A 34 -23.69 -14.02 -14.46
CA VAL A 34 -23.66 -14.63 -13.14
C VAL A 34 -22.43 -15.52 -13.00
N ALA A 35 -21.75 -15.41 -11.85
CA ALA A 35 -20.60 -16.25 -11.52
C ALA A 35 -20.86 -16.90 -10.17
N GLU A 36 -20.14 -18.00 -9.93
CA GLU A 36 -20.28 -18.73 -8.68
C GLU A 36 -19.22 -18.29 -7.68
N THR A 37 -19.58 -18.29 -6.41
CA THR A 37 -18.61 -18.24 -5.32
C THR A 37 -18.96 -19.30 -4.30
N GLU A 38 -18.03 -19.57 -3.40
CA GLU A 38 -18.27 -20.56 -2.35
C GLU A 38 -19.43 -20.20 -1.45
N TYR A 39 -19.83 -18.93 -1.41
CA TYR A 39 -20.93 -18.48 -0.57
C TYR A 39 -22.22 -18.22 -1.33
N GLY A 40 -22.21 -18.33 -2.65
CA GLY A 40 -23.38 -18.07 -3.45
C GLY A 40 -23.07 -17.34 -4.75
N MLY A 41 -24.08 -17.22 -5.58
CA MLY A 41 -23.93 -16.62 -6.91
CB MLY A 41 -25.14 -16.99 -7.77
CG MLY A 41 -25.23 -18.48 -8.11
CD MLY A 41 -26.57 -18.81 -8.73
CE MLY A 41 -26.78 -20.31 -8.95
NZ MLY A 41 -25.91 -20.84 -10.03
CH1 MLY A 41 -26.14 -22.29 -10.14
CH2 MLY A 41 -26.33 -20.22 -11.29
C MLY A 41 -23.84 -15.11 -6.85
O MLY A 41 -24.45 -14.46 -5.99
N VAL A 42 -23.09 -14.54 -7.79
CA VAL A 42 -22.94 -13.09 -7.89
C VAL A 42 -23.21 -12.64 -9.31
N LYS A 43 -23.85 -11.47 -9.44
CA LYS A 43 -24.16 -10.87 -10.73
C LYS A 43 -23.23 -9.69 -10.99
N GLY A 44 -22.52 -9.72 -12.13
CA GLY A 44 -21.68 -8.63 -12.56
C GLY A 44 -22.18 -8.05 -13.87
N VAL A 45 -21.45 -7.04 -14.35
CA VAL A 45 -21.87 -6.31 -15.53
C VAL A 45 -20.69 -6.09 -16.46
N MLY A 46 -20.93 -6.14 -17.77
CA MLY A 46 -19.91 -5.81 -18.75
CB MLY A 46 -20.22 -6.49 -20.08
CG MLY A 46 -19.22 -6.20 -21.17
CD MLY A 46 -19.66 -6.81 -22.49
CE MLY A 46 -18.77 -6.38 -23.62
NZ MLY A 46 -19.12 -7.03 -24.91
CH1 MLY A 46 -18.08 -6.66 -25.89
CH2 MLY A 46 -20.41 -6.49 -25.40
C MLY A 46 -19.81 -4.29 -18.91
O MLY A 46 -20.81 -3.60 -19.15
N ARG A 47 -18.59 -3.79 -18.77
CA ARG A 47 -18.29 -2.38 -18.89
C ARG A 47 -17.29 -2.15 -20.03
N LEU A 48 -17.34 -0.95 -20.61
CA LEU A 48 -16.36 -0.48 -21.58
C LEU A 48 -15.32 0.39 -20.89
N THR A 49 -14.20 0.61 -21.58
CA THR A 49 -13.24 1.64 -21.24
C THR A 49 -13.29 2.71 -22.32
N VAL A 50 -12.62 3.84 -22.06
CA VAL A 50 -12.57 4.89 -23.07
C VAL A 50 -11.79 4.46 -24.31
N TYR A 51 -11.00 3.39 -24.21
CA TYR A 51 -10.28 2.83 -25.34
C TYR A 51 -11.06 1.74 -26.05
N ASP A 52 -12.31 1.52 -25.63
CA ASP A 52 -13.20 0.53 -26.22
C ASP A 52 -12.76 -0.90 -25.99
N ASP A 53 -11.94 -1.13 -24.98
CA ASP A 53 -11.83 -2.46 -24.41
C ASP A 53 -13.06 -2.70 -23.51
N SER A 54 -13.28 -3.96 -23.15
CA SER A 54 -14.42 -4.28 -22.31
C SER A 54 -14.00 -5.30 -21.26
N TYR A 55 -14.74 -5.31 -20.15
CA TYR A 55 -14.44 -6.24 -19.08
C TYR A 55 -15.72 -6.51 -18.28
N TYR A 56 -15.71 -7.66 -17.62
CA TYR A 56 -16.76 -8.02 -16.68
C TYR A 56 -16.36 -7.56 -15.29
N SER A 57 -17.30 -6.93 -14.60
CA SER A 57 -17.06 -6.20 -13.37
C SER A 57 -17.95 -6.77 -12.28
N PHE A 58 -17.33 -7.25 -11.19
CA PHE A 58 -18.05 -7.69 -10.00
C PHE A 58 -17.49 -6.89 -8.83
N GLU A 59 -18.32 -6.04 -8.24
CA GLU A 59 -17.93 -5.23 -7.10
C GLU A 59 -18.84 -5.55 -5.92
N GLY A 60 -18.33 -5.38 -4.72
CA GLY A 60 -19.14 -5.68 -3.56
C GLY A 60 -19.28 -7.15 -3.26
N ILE A 61 -18.25 -7.94 -3.57
CA ILE A 61 -18.27 -9.36 -3.19
C ILE A 61 -17.82 -9.41 -1.75
N PRO A 62 -18.63 -9.91 -0.81
CA PRO A 62 -18.19 -9.97 0.58
C PRO A 62 -17.20 -11.12 0.78
N TYR A 63 -16.14 -10.85 1.55
CA TYR A 63 -15.25 -11.92 1.96
C TYR A 63 -15.29 -12.15 3.46
N ALA A 64 -16.08 -11.36 4.19
CA ALA A 64 -16.19 -11.48 5.64
C ALA A 64 -17.56 -10.96 6.05
N GLN A 65 -17.98 -11.32 7.27
CA GLN A 65 -19.17 -10.72 7.83
CA GLN A 65 -19.17 -10.72 7.86
C GLN A 65 -18.93 -9.23 8.09
N PRO A 66 -19.94 -8.37 7.89
CA PRO A 66 -19.75 -6.96 8.24
C PRO A 66 -19.29 -6.82 9.68
N PRO A 67 -18.20 -6.09 9.92
CA PRO A 67 -17.58 -6.08 11.26
C PRO A 67 -18.25 -5.06 12.18
N VAL A 68 -19.53 -5.29 12.46
CA VAL A 68 -20.35 -4.36 13.21
C VAL A 68 -20.84 -5.02 14.49
N GLY A 69 -21.37 -4.20 15.40
CA GLY A 69 -21.85 -4.71 16.67
C GLY A 69 -20.71 -5.34 17.44
N GLU A 70 -20.94 -6.55 17.96
N GLU A 70 -20.93 -6.55 17.95
CA GLU A 70 -19.90 -7.23 18.73
CA GLU A 70 -19.89 -7.23 18.73
C GLU A 70 -18.68 -7.57 17.91
C GLU A 70 -18.67 -7.57 17.90
N LEU A 71 -18.77 -7.54 16.57
CA LEU A 71 -17.63 -7.83 15.72
C LEU A 71 -16.73 -6.63 15.49
N ARG A 72 -17.09 -5.45 15.97
CA ARG A 72 -16.19 -4.31 15.88
C ARG A 72 -14.90 -4.61 16.65
N PHE A 73 -13.77 -4.27 16.03
CA PHE A 73 -12.40 -4.47 16.56
C PHE A 73 -11.96 -5.93 16.59
N MLY A 74 -12.81 -6.84 16.12
CA MLY A 74 -12.43 -8.25 16.13
CB MLY A 74 -13.65 -9.12 16.42
CG MLY A 74 -14.44 -8.77 17.66
CD MLY A 74 -13.63 -8.99 18.92
CE MLY A 74 -14.54 -9.10 20.15
NZ MLY A 74 -15.39 -7.87 20.29
CH1 MLY A 74 -14.48 -6.75 20.58
CH2 MLY A 74 -16.31 -8.02 21.43
C MLY A 74 -11.87 -8.68 14.78
O MLY A 74 -12.13 -8.06 13.76
N ALA A 75 -11.13 -9.78 14.79
CA ALA A 75 -10.74 -10.44 13.55
C ALA A 75 -11.98 -10.67 12.67
N PRO A 76 -11.82 -10.63 11.35
CA PRO A 76 -12.96 -10.91 10.47
C PRO A 76 -13.45 -12.33 10.63
N GLN A 77 -14.75 -12.50 10.44
CA GLN A 77 -15.38 -13.81 10.42
C GLN A 77 -15.93 -14.10 9.02
N ARG A 78 -15.99 -15.38 8.68
CA ARG A 78 -16.42 -15.79 7.36
CA ARG A 78 -16.41 -15.76 7.35
C ARG A 78 -17.87 -15.34 7.12
N PRO A 79 -18.22 -14.94 5.89
CA PRO A 79 -19.57 -14.44 5.63
C PRO A 79 -20.61 -15.56 5.63
N THR A 80 -21.87 -15.14 5.75
CA THR A 80 -23.01 -16.07 5.67
C THR A 80 -23.35 -16.34 4.21
N PRO A 81 -23.51 -17.59 3.80
CA PRO A 81 -23.89 -17.88 2.42
C PRO A 81 -25.31 -17.45 2.14
N TRP A 82 -25.60 -17.27 0.86
CA TRP A 82 -26.92 -16.84 0.41
C TRP A 82 -27.41 -17.72 -0.72
N ASP A 83 -28.73 -17.84 -0.81
CA ASP A 83 -29.37 -18.39 -1.99
C ASP A 83 -29.68 -17.23 -2.94
N GLY A 84 -29.98 -17.57 -4.18
CA GLY A 84 -30.24 -16.54 -5.16
C GLY A 84 -28.95 -15.87 -5.62
N VAL A 85 -29.10 -14.70 -6.22
CA VAL A 85 -28.00 -14.02 -6.88
C VAL A 85 -27.76 -12.67 -6.22
N ARG A 86 -26.56 -12.47 -5.69
CA ARG A 86 -26.19 -11.20 -5.09
C ARG A 86 -25.78 -10.21 -6.16
N ASP A 87 -26.34 -9.00 -6.11
CA ASP A 87 -26.05 -7.96 -7.10
C ASP A 87 -24.68 -7.35 -6.83
N CYS A 88 -23.76 -7.55 -7.77
CA CYS A 88 -22.40 -7.01 -7.69
C CYS A 88 -22.14 -6.04 -8.84
N CYS A 89 -23.18 -5.34 -9.28
CA CYS A 89 -23.05 -4.41 -10.40
C CYS A 89 -22.75 -2.99 -9.97
N ASN A 90 -22.50 -2.76 -8.67
CA ASN A 90 -22.13 -1.44 -8.19
C ASN A 90 -21.22 -1.61 -7.00
N HIS A 91 -20.45 -0.57 -6.70
CA HIS A 91 -19.52 -0.64 -5.58
C HIS A 91 -20.25 -0.50 -4.25
N MLZ A 92 -19.60 -0.96 -3.19
CA MLZ A 92 -20.06 -0.79 -1.81
CB MLZ A 92 -19.84 -2.07 -0.97
CG MLZ A 92 -20.68 -3.23 -1.46
CD MLZ A 92 -22.16 -3.00 -1.19
CE MLZ A 92 -22.62 -3.83 0.00
NZ MLZ A 92 -24.03 -3.65 0.36
CM MLZ A 92 -24.25 -3.75 1.78
C MLZ A 92 -19.32 0.41 -1.15
O MLZ A 92 -18.58 1.13 -1.87
N ASP A 93 -19.52 0.64 0.13
CA ASP A 93 -18.86 1.72 0.85
CA ASP A 93 -18.82 1.81 0.69
C ASP A 93 -17.38 1.48 1.04
N LYS A 94 -16.61 2.55 1.20
CA LYS A 94 -15.25 2.45 1.68
C LYS A 94 -15.26 2.44 3.22
N SER A 95 -14.14 2.00 3.80
CA SER A 95 -13.96 1.99 5.24
C SER A 95 -14.04 3.41 5.80
N VAL A 96 -14.57 3.56 7.02
CA VAL A 96 -14.73 4.91 7.59
C VAL A 96 -13.38 5.63 7.63
N GLN A 97 -13.38 6.86 7.13
CA GLN A 97 -12.13 7.60 6.95
C GLN A 97 -12.45 9.07 6.74
N VAL A 98 -11.44 9.91 6.89
CA VAL A 98 -11.57 11.32 6.56
C VAL A 98 -11.25 11.49 5.08
N ASP A 99 -12.20 12.01 4.30
CA ASP A 99 -12.00 12.19 2.87
C ASP A 99 -10.77 13.04 2.59
N PHE A 100 -9.89 12.51 1.73
CA PHE A 100 -8.57 13.11 1.49
C PHE A 100 -8.64 14.48 0.83
N ILE A 101 -9.79 14.87 0.27
CA ILE A 101 -9.98 16.18 -0.34
C ILE A 101 -10.99 17.03 0.44
N ALA A 102 -12.16 16.46 0.74
CA ALA A 102 -13.23 17.22 1.39
C ALA A 102 -12.92 17.48 2.86
N GLY A 103 -12.16 16.62 3.51
CA GLY A 103 -11.84 16.81 4.92
C GLY A 103 -12.96 16.45 5.87
N LYS A 104 -13.97 15.71 5.42
CA LYS A 104 -15.07 15.26 6.26
C LYS A 104 -15.06 13.73 6.30
N VAL A 105 -15.58 13.17 7.40
CA VAL A 105 -15.65 11.72 7.53
C VAL A 105 -16.66 11.15 6.55
N CYS A 106 -16.31 10.01 5.95
CA CYS A 106 -17.16 9.31 5.00
C CYS A 106 -16.90 7.82 5.15
N GLY A 107 -17.70 7.02 4.45
CA GLY A 107 -17.55 5.57 4.48
C GLY A 107 -18.48 4.92 5.49
N SER A 108 -18.28 3.62 5.68
CA SER A 108 -19.14 2.82 6.52
C SER A 108 -18.32 1.71 7.18
N GLU A 109 -18.81 1.22 8.33
CA GLU A 109 -18.18 0.03 8.90
C GLU A 109 -18.37 -1.20 8.01
N ASP A 110 -19.39 -1.19 7.17
CA ASP A 110 -19.72 -2.30 6.27
C ASP A 110 -18.88 -2.13 5.01
N CYS A 111 -17.61 -2.58 5.09
CA CYS A 111 -16.63 -2.28 4.05
C CYS A 111 -15.79 -3.48 3.61
N LEU A 112 -16.08 -4.69 4.09
CA LEU A 112 -15.21 -5.84 3.84
C LEU A 112 -15.62 -6.54 2.54
N TYR A 113 -15.21 -5.92 1.43
CA TYR A 113 -15.57 -6.34 0.10
C TYR A 113 -14.33 -6.37 -0.79
N LEU A 114 -14.43 -7.14 -1.86
CA LEU A 114 -13.45 -7.12 -2.94
C LEU A 114 -14.17 -7.04 -4.28
N SER A 115 -13.42 -6.61 -5.30
CA SER A 115 -13.91 -6.48 -6.66
C SER A 115 -13.06 -7.33 -7.58
N VAL A 116 -13.68 -7.97 -8.57
CA VAL A 116 -13.02 -8.86 -9.51
C VAL A 116 -13.33 -8.37 -10.91
N TYR A 117 -12.28 -8.30 -11.75
CA TYR A 117 -12.40 -7.81 -13.11
C TYR A 117 -11.66 -8.73 -14.07
N THR A 118 -12.29 -9.01 -15.22
CA THR A 118 -11.64 -9.78 -16.26
C THR A 118 -12.32 -9.53 -17.59
N ASN A 119 -11.55 -9.58 -18.67
CA ASN A 119 -12.16 -9.42 -19.98
C ASN A 119 -12.88 -10.65 -20.50
N ASN A 120 -12.82 -11.79 -19.81
CA ASN A 120 -13.39 -13.03 -20.34
C ASN A 120 -13.57 -13.99 -19.18
N LEU A 121 -14.82 -14.28 -18.82
CA LEU A 121 -15.11 -15.18 -17.70
C LEU A 121 -14.88 -16.65 -18.00
N ASN A 122 -14.75 -17.04 -19.27
CA ASN A 122 -14.52 -18.44 -19.63
C ASN A 122 -13.37 -18.50 -20.62
N PRO A 123 -12.17 -18.15 -20.18
CA PRO A 123 -11.03 -18.11 -21.09
C PRO A 123 -10.55 -19.51 -21.44
N GLU A 124 -9.71 -19.57 -22.47
CA GLU A 124 -9.18 -20.84 -22.95
C GLU A 124 -8.04 -21.37 -22.10
N THR A 125 -7.48 -20.55 -21.22
CA THR A 125 -6.46 -21.04 -20.30
CA THR A 125 -6.38 -20.97 -20.35
C THR A 125 -6.54 -20.24 -19.02
N MLY A 126 -6.27 -20.91 -17.90
CA MLY A 126 -6.38 -20.27 -16.59
CB MLY A 126 -6.32 -21.31 -15.45
CG MLY A 126 -5.03 -22.13 -15.35
CD MLY A 126 -5.21 -23.23 -14.28
CE MLY A 126 -3.94 -24.03 -14.03
NZ MLY A 126 -4.16 -25.18 -13.09
CH1 MLY A 126 -2.89 -25.91 -12.94
CH2 MLY A 126 -4.56 -24.66 -11.77
C MLY A 126 -5.35 -19.15 -16.42
O MLY A 126 -4.19 -19.29 -16.84
N ARG A 127 -5.79 -18.04 -15.85
CA ARG A 127 -5.06 -16.78 -15.97
C ARG A 127 -4.33 -16.40 -14.71
N PRO A 128 -3.20 -15.70 -14.85
CA PRO A 128 -2.59 -15.05 -13.69
C PRO A 128 -3.62 -14.17 -12.98
N VAL A 129 -3.58 -14.20 -11.67
CA VAL A 129 -4.48 -13.40 -10.83
C VAL A 129 -3.60 -12.36 -10.13
N LEU A 130 -3.90 -11.08 -10.34
CA LEU A 130 -3.19 -9.99 -9.71
C LEU A 130 -4.10 -9.37 -8.67
N VAL A 131 -3.58 -9.21 -7.44
CA VAL A 131 -4.37 -8.74 -6.30
C VAL A 131 -3.74 -7.45 -5.81
N TYR A 132 -4.49 -6.35 -5.93
CA TYR A 132 -3.99 -5.03 -5.52
C TYR A 132 -4.48 -4.67 -4.13
N ILE A 133 -3.53 -4.31 -3.25
CA ILE A 133 -3.81 -3.79 -1.91
C ILE A 133 -3.48 -2.30 -1.90
N HIS A 134 -4.48 -1.45 -1.73
CA HIS A 134 -4.29 -0.02 -1.79
C HIS A 134 -3.49 0.51 -0.60
N GLY A 135 -2.83 1.66 -0.81
CA GLY A 135 -2.17 2.40 0.23
C GLY A 135 -3.08 3.46 0.84
N GLY A 136 -2.48 4.43 1.51
CA GLY A 136 -3.23 5.40 2.29
C GLY A 136 -2.94 5.36 3.78
N ASP A 137 -1.74 4.95 4.16
CA ASP A 137 -1.24 5.08 5.53
C ASP A 137 -2.05 4.29 6.55
N PHE A 138 -2.81 3.31 6.09
CA PHE A 138 -3.71 2.52 6.93
C PHE A 138 -4.87 3.35 7.46
N ILE A 139 -5.10 4.54 6.90
CA ILE A 139 -6.17 5.41 7.38
C ILE A 139 -7.08 5.91 6.26
N ILE A 140 -6.70 5.86 4.98
CA ILE A 140 -7.57 6.22 3.87
C ILE A 140 -7.44 5.17 2.78
N GLY A 141 -8.35 5.23 1.81
CA GLY A 141 -8.29 4.40 0.63
C GLY A 141 -9.55 3.57 0.42
N GLU A 142 -9.59 2.89 -0.74
CA GLU A 142 -10.81 2.22 -1.18
C GLU A 142 -10.46 1.39 -2.40
N ASN A 143 -11.42 0.59 -2.87
CA ASN A 143 -11.30 -0.11 -4.14
C ASN A 143 -12.26 0.45 -5.19
N HIS A 144 -12.77 1.66 -4.98
CA HIS A 144 -13.61 2.29 -5.98
C HIS A 144 -12.85 2.59 -7.25
N ARG A 145 -13.54 2.47 -8.38
CA ARG A 145 -12.92 2.64 -9.69
C ARG A 145 -12.68 4.10 -10.06
N ASP A 146 -13.21 5.05 -9.27
CA ASP A 146 -12.84 6.45 -9.50
C ASP A 146 -11.38 6.69 -9.14
N MET A 147 -10.77 5.77 -8.39
CA MET A 147 -9.34 5.79 -8.10
CA MET A 147 -9.33 5.81 -8.16
C MET A 147 -8.60 4.60 -8.70
N TYR A 148 -9.21 3.42 -8.68
CA TYR A 148 -8.53 2.18 -9.08
C TYR A 148 -9.32 1.47 -10.17
N GLY A 149 -9.41 2.10 -11.34
CA GLY A 149 -10.09 1.49 -12.46
C GLY A 149 -9.23 0.42 -13.12
N PRO A 150 -9.83 -0.75 -13.43
CA PRO A 150 -9.07 -1.87 -14.01
C PRO A 150 -8.83 -1.76 -15.51
N ASP A 151 -9.20 -0.61 -16.08
CA ASP A 151 -9.33 -0.42 -17.52
C ASP A 151 -8.06 -0.71 -18.29
N TYR A 152 -6.89 -0.50 -17.68
CA TYR A 152 -5.64 -0.76 -18.39
C TYR A 152 -5.21 -2.22 -18.29
N PHE A 153 -5.36 -2.84 -17.12
CA PHE A 153 -4.95 -4.24 -16.96
C PHE A 153 -5.81 -5.16 -17.82
N ILE A 154 -7.10 -4.85 -17.98
CA ILE A 154 -8.00 -5.78 -18.68
C ILE A 154 -7.81 -5.79 -20.20
N M3L A 155 -6.87 -4.98 -20.70
CA M3L A 155 -6.44 -5.12 -22.08
CB M3L A 155 -5.40 -4.05 -22.48
CG M3L A 155 -5.93 -2.64 -22.40
CD M3L A 155 -4.86 -1.70 -22.94
CE M3L A 155 -5.12 -0.28 -22.50
NZ M3L A 155 -4.44 0.81 -23.31
C M3L A 155 -5.79 -6.47 -22.32
O M3L A 155 -5.73 -6.98 -23.43
CM1 M3L A 155 -5.00 0.88 -24.68
CM2 M3L A 155 -4.59 2.14 -22.64
CM3 M3L A 155 -2.99 0.50 -23.39
N LYS A 156 -5.28 -7.06 -21.24
CA LYS A 156 -4.55 -8.32 -21.31
C LYS A 156 -5.29 -9.40 -20.53
N ASP A 157 -4.83 -10.65 -20.68
CA ASP A 157 -5.60 -11.81 -20.25
C ASP A 157 -5.20 -12.21 -18.84
N VAL A 158 -5.61 -11.38 -17.88
CA VAL A 158 -5.40 -11.60 -16.46
C VAL A 158 -6.73 -11.41 -15.74
N VAL A 159 -6.77 -11.83 -14.48
CA VAL A 159 -7.84 -11.50 -13.56
C VAL A 159 -7.25 -10.50 -12.56
N LEU A 160 -7.91 -9.36 -12.39
CA LEU A 160 -7.47 -8.32 -11.46
C LEU A 160 -8.47 -8.20 -10.32
N ILE A 161 -7.97 -8.18 -9.08
CA ILE A 161 -8.81 -8.15 -7.90
C ILE A 161 -8.33 -7.02 -7.01
N ASN A 162 -9.26 -6.15 -6.58
CA ASN A 162 -8.92 -5.02 -5.72
C ASN A 162 -9.69 -5.18 -4.41
N ILE A 163 -8.95 -5.24 -3.29
CA ILE A 163 -9.57 -5.52 -1.98
C ILE A 163 -9.72 -4.25 -1.16
N GLN A 164 -10.67 -4.29 -0.23
CA GLN A 164 -10.72 -3.36 0.89
C GLN A 164 -10.39 -4.09 2.18
N TYR A 165 -10.13 -3.31 3.23
CA TYR A 165 -9.74 -3.79 4.55
C TYR A 165 -9.97 -2.64 5.53
N ARG A 166 -10.21 -2.96 6.79
CA ARG A 166 -10.54 -1.90 7.75
C ARG A 166 -9.38 -0.95 8.02
N LEU A 167 -9.70 0.33 8.17
CA LEU A 167 -8.73 1.40 8.33
C LEU A 167 -8.82 2.05 9.71
N GLY A 168 -7.75 2.74 10.09
CA GLY A 168 -7.79 3.57 11.28
C GLY A 168 -7.98 2.76 12.55
N ALA A 169 -8.56 3.42 13.56
CA ALA A 169 -8.79 2.74 14.84
C ALA A 169 -9.70 1.53 14.68
N LEU A 170 -10.64 1.56 13.71
CA LEU A 170 -11.51 0.42 13.53
C LEU A 170 -10.77 -0.80 12.99
N GLY A 171 -9.68 -0.57 12.25
CA GLY A 171 -8.87 -1.66 11.78
C GLY A 171 -7.68 -2.02 12.66
N PHE A 172 -7.27 -1.10 13.56
CA PHE A 172 -5.96 -1.25 14.20
C PHE A 172 -5.94 -1.00 15.71
N LEU A 173 -7.10 -0.92 16.37
CA LEU A 173 -7.11 -0.91 17.82
C LEU A 173 -6.40 -2.15 18.36
N SER A 174 -5.69 -1.98 19.47
CA SER A 174 -4.98 -3.10 20.09
C SER A 174 -5.04 -2.92 21.60
N LEU A 175 -5.43 -3.97 22.32
CA LEU A 175 -5.52 -3.94 23.77
C LEU A 175 -4.74 -5.11 24.36
N ASN A 176 -4.04 -4.84 25.47
CA ASN A 176 -3.19 -5.87 26.07
C ASN A 176 -3.98 -7.00 26.72
N SER A 177 -5.22 -6.77 27.16
CA SER A 177 -5.93 -7.77 27.96
CA SER A 177 -5.94 -7.77 27.96
C SER A 177 -6.40 -8.92 27.08
N GLU A 178 -5.87 -10.13 27.35
N GLU A 178 -5.88 -10.13 27.36
CA GLU A 178 -6.17 -11.27 26.49
CA GLU A 178 -6.15 -11.29 26.52
C GLU A 178 -7.66 -11.60 26.47
C GLU A 178 -7.63 -11.62 26.48
N ASP A 179 -8.35 -11.42 27.59
CA ASP A 179 -9.76 -11.79 27.66
C ASP A 179 -10.64 -11.02 26.69
N LEU A 180 -10.17 -9.88 26.19
CA LEU A 180 -11.01 -9.04 25.34
C LEU A 180 -10.89 -9.39 23.87
N ASN A 181 -9.86 -10.13 23.47
CA ASN A 181 -9.74 -10.62 22.10
C ASN A 181 -9.64 -9.48 21.08
N VAL A 182 -8.98 -8.39 21.46
CA VAL A 182 -8.65 -7.30 20.55
C VAL A 182 -7.14 -7.15 20.50
N PRO A 183 -6.41 -8.12 19.91
CA PRO A 183 -4.95 -8.04 19.93
C PRO A 183 -4.35 -7.01 18.99
N GLY A 184 -5.10 -6.57 17.99
CA GLY A 184 -4.56 -5.68 16.97
C GLY A 184 -4.65 -6.28 15.58
N ASN A 185 -4.33 -5.43 14.60
CA ASN A 185 -4.15 -5.86 13.21
C ASN A 185 -5.41 -6.43 12.58
N ALA A 186 -6.60 -6.01 13.04
CA ALA A 186 -7.81 -6.48 12.37
C ALA A 186 -7.77 -6.22 10.88
N GLY A 187 -7.28 -5.06 10.45
CA GLY A 187 -7.25 -4.76 9.03
C GLY A 187 -6.30 -5.63 8.23
N LEU A 188 -5.18 -6.07 8.85
CA LEU A 188 -4.33 -7.05 8.17
C LEU A 188 -5.00 -8.42 8.12
N LYS A 189 -5.76 -8.77 9.17
CA LYS A 189 -6.51 -10.01 9.17
C LYS A 189 -7.61 -10.00 8.11
N ASP A 190 -8.18 -8.82 7.84
CA ASP A 190 -9.09 -8.68 6.70
C ASP A 190 -8.37 -9.05 5.40
N GLN A 191 -7.16 -8.54 5.22
CA GLN A 191 -6.38 -8.88 4.04
C GLN A 191 -6.14 -10.39 3.93
N VAL A 192 -5.82 -11.04 5.06
CA VAL A 192 -5.63 -12.49 5.04
C VAL A 192 -6.89 -13.19 4.57
N MET A 193 -8.04 -12.82 5.12
CA MET A 193 -9.29 -13.48 4.75
CA MET A 193 -9.30 -13.46 4.74
C MET A 193 -9.60 -13.26 3.27
N ALA A 194 -9.32 -12.06 2.76
CA ALA A 194 -9.52 -11.79 1.33
C ALA A 194 -8.60 -12.68 0.48
N LEU A 195 -7.33 -12.84 0.89
CA LEU A 195 -6.42 -13.67 0.11
C LEU A 195 -6.86 -15.14 0.12
N ARG A 196 -7.40 -15.62 1.26
CA ARG A 196 -7.95 -16.97 1.29
C ARG A 196 -9.15 -17.09 0.37
N TRP A 197 -10.02 -16.08 0.35
CA TRP A 197 -11.15 -16.08 -0.57
C TRP A 197 -10.65 -16.17 -2.01
N ILE A 198 -9.61 -15.42 -2.34
CA ILE A 198 -9.10 -15.37 -3.70
C ILE A 198 -8.57 -16.76 -4.11
N MLZ A 199 -7.79 -17.40 -3.24
CA MLZ A 199 -7.32 -18.74 -3.54
CA MLZ A 199 -7.33 -18.74 -3.53
CB MLZ A 199 -6.45 -19.39 -2.45
CB MLZ A 199 -6.51 -19.30 -2.36
CG MLZ A 199 -6.40 -20.91 -2.52
CG MLZ A 199 -5.82 -20.61 -2.69
CD MLZ A 199 -5.36 -21.49 -1.57
CD MLZ A 199 -4.94 -20.47 -3.90
CE MLZ A 199 -5.19 -23.00 -1.76
CE MLZ A 199 -3.46 -20.32 -3.56
NZ MLZ A 199 -4.07 -23.55 -0.99
NZ MLZ A 199 -2.67 -21.53 -3.75
CM MLZ A 199 -4.28 -23.52 0.43
CM MLZ A 199 -2.38 -22.24 -2.55
C MLZ A 199 -8.52 -19.69 -3.82
O MLZ A 199 -8.48 -20.48 -4.80
N ASN A 200 -9.55 -19.60 -3.01
N ASN A 200 -9.55 -19.60 -3.00
CA ASN A 200 -10.65 -20.54 -3.07
CA ASN A 200 -10.68 -20.53 -3.04
C ASN A 200 -11.65 -20.25 -4.20
C ASN A 200 -11.75 -20.19 -4.09
N ASN A 201 -11.66 -19.02 -4.72
CA ASN A 201 -12.71 -18.61 -5.65
C ASN A 201 -12.24 -18.07 -7.00
N CYS A 202 -10.94 -17.76 -7.17
CA CYS A 202 -10.53 -17.10 -8.41
C CYS A 202 -10.79 -17.98 -9.65
N ALA A 203 -10.80 -19.31 -9.50
CA ALA A 203 -11.05 -20.16 -10.66
C ALA A 203 -12.43 -19.95 -11.24
N ASN A 204 -13.39 -19.54 -10.41
CA ASN A 204 -14.74 -19.27 -10.90
C ASN A 204 -14.78 -18.08 -11.85
N PHE A 205 -13.72 -17.30 -11.90
CA PHE A 205 -13.63 -16.12 -12.75
C PHE A 205 -12.57 -16.28 -13.82
N GLY A 206 -12.09 -17.50 -14.04
CA GLY A 206 -11.05 -17.78 -15.02
C GLY A 206 -9.64 -17.74 -14.49
N GLY A 207 -9.46 -17.55 -13.18
CA GLY A 207 -8.13 -17.40 -12.61
C GLY A 207 -7.46 -18.72 -12.24
N ASN A 208 -6.14 -18.63 -12.10
CA ASN A 208 -5.29 -19.76 -11.74
C ASN A 208 -4.90 -19.62 -10.28
N PRO A 209 -5.46 -20.42 -9.35
CA PRO A 209 -5.07 -20.30 -7.94
C PRO A 209 -3.65 -20.72 -7.68
N ASP A 210 -2.97 -21.32 -8.65
CA ASP A 210 -1.57 -21.65 -8.50
C ASP A 210 -0.66 -20.55 -9.00
N ASN A 211 -1.22 -19.39 -9.40
CA ASN A 211 -0.41 -18.31 -9.95
C ASN A 211 -1.02 -16.95 -9.57
N ILE A 212 -0.91 -16.60 -8.29
CA ILE A 212 -1.45 -15.37 -7.72
C ILE A 212 -0.30 -14.44 -7.37
N THR A 213 -0.43 -13.18 -7.77
CA THR A 213 0.54 -12.14 -7.45
C THR A 213 -0.15 -11.08 -6.61
N VAL A 214 0.48 -10.70 -5.49
CA VAL A 214 -0.04 -9.61 -4.66
C VAL A 214 0.87 -8.40 -4.84
N PHE A 215 0.26 -7.23 -5.04
CA PHE A 215 1.01 -6.00 -5.20
C PHE A 215 0.30 -4.87 -4.49
N GLY A 216 1.06 -3.84 -4.13
CA GLY A 216 0.48 -2.69 -3.49
C GLY A 216 1.51 -1.59 -3.43
N GLU A 217 1.00 -0.37 -3.26
CA GLU A 217 1.85 0.82 -3.21
C GLU A 217 1.68 1.52 -1.87
N SER A 218 2.79 2.05 -1.36
N SER A 218 2.78 2.08 -1.37
CA SER A 218 2.80 2.81 -0.09
CA SER A 218 2.82 2.80 -0.08
C SER A 218 2.37 1.86 1.04
C SER A 218 2.37 1.86 1.04
N ALA A 219 1.36 2.22 1.84
CA ALA A 219 0.89 1.27 2.85
C ALA A 219 0.42 -0.04 2.24
N GLY A 220 0.03 -0.03 0.95
CA GLY A 220 -0.30 -1.27 0.28
C GLY A 220 0.92 -2.13 0.02
N ALA A 221 2.10 -1.51 -0.14
CA ALA A 221 3.35 -2.25 -0.25
C ALA A 221 3.76 -2.83 1.10
N ALA A 222 3.65 -2.03 2.18
CA ALA A 222 3.85 -2.59 3.50
C ALA A 222 2.90 -3.75 3.75
N SER A 223 1.63 -3.61 3.34
CA SER A 223 0.63 -4.67 3.50
C SER A 223 1.03 -5.92 2.73
N THR A 224 1.38 -5.76 1.45
CA THR A 224 1.84 -6.90 0.65
C THR A 224 3.00 -7.59 1.33
N HIS A 225 3.93 -6.81 1.88
CA HIS A 225 5.06 -7.40 2.58
C HIS A 225 4.59 -8.15 3.83
N TYR A 226 3.69 -7.55 4.62
CA TYR A 226 3.14 -8.28 5.77
C TYR A 226 2.52 -9.60 5.33
N MET A 227 1.82 -9.60 4.20
CA MET A 227 1.21 -10.82 3.68
C MET A 227 2.24 -11.86 3.23
N MET A 228 3.47 -11.44 2.95
CA MET A 228 4.57 -12.34 2.59
C MET A 228 5.31 -12.79 3.83
N LEU A 229 5.10 -12.12 4.98
CA LEU A 229 5.81 -12.43 6.22
C LEU A 229 5.03 -13.36 7.14
N THR A 230 3.71 -13.20 7.24
CA THR A 230 2.95 -13.90 8.25
C THR A 230 2.73 -15.37 7.90
N GLU A 231 2.81 -16.24 8.91
CA GLU A 231 2.48 -17.65 8.73
C GLU A 231 1.03 -17.83 8.31
N GLN A 232 0.15 -16.86 8.60
CA GLN A 232 -1.26 -17.03 8.25
C GLN A 232 -1.48 -17.26 6.77
N THR A 233 -0.60 -16.75 5.91
CA THR A 233 -0.79 -16.78 4.48
C THR A 233 0.19 -17.71 3.78
N ARG A 234 0.92 -18.55 4.53
CA ARG A 234 1.96 -19.37 3.93
C ARG A 234 1.42 -20.15 2.75
N GLY A 235 2.04 -19.98 1.58
CA GLY A 235 1.65 -20.71 0.39
C GLY A 235 0.47 -20.17 -0.39
N LEU A 236 -0.14 -19.06 0.05
CA LEU A 236 -1.37 -18.60 -0.62
C LEU A 236 -1.11 -17.91 -1.95
N PHE A 237 0.10 -17.39 -2.19
CA PHE A 237 0.35 -16.71 -3.45
C PHE A 237 1.81 -16.92 -3.83
N HIS A 238 2.17 -16.41 -5.01
CA HIS A 238 3.32 -16.91 -5.75
C HIS A 238 4.30 -15.86 -6.24
N ARG A 239 3.93 -14.58 -6.22
CA ARG A 239 4.83 -13.47 -6.51
C ARG A 239 4.36 -12.30 -5.66
N GLY A 240 5.29 -11.40 -5.34
CA GLY A 240 4.95 -10.17 -4.66
C GLY A 240 5.64 -8.97 -5.25
N ILE A 241 4.95 -7.83 -5.30
CA ILE A 241 5.54 -6.59 -5.79
C ILE A 241 5.34 -5.51 -4.73
N LEU A 242 6.44 -4.94 -4.25
CA LEU A 242 6.42 -3.91 -3.21
C LEU A 242 6.73 -2.57 -3.87
N MET A 243 5.70 -1.75 -4.06
CA MET A 243 5.83 -0.42 -4.67
C MET A 243 5.94 0.68 -3.64
N SER A 244 7.14 1.26 -3.49
CA SER A 244 7.36 2.38 -2.58
C SER A 244 6.92 2.06 -1.15
N GLY A 245 7.50 1.00 -0.59
CA GLY A 245 7.28 0.68 0.81
C GLY A 245 7.51 -0.77 1.11
N ASN A 246 7.61 -1.06 2.42
CA ASN A 246 7.73 -2.43 2.92
C ASN A 246 7.42 -2.40 4.41
N ALA A 247 7.44 -3.57 5.04
CA ALA A 247 6.98 -3.68 6.41
C ALA A 247 8.01 -3.25 7.45
N ILE A 248 9.26 -3.00 7.05
CA ILE A 248 10.25 -2.49 7.98
C ILE A 248 10.49 -0.99 7.82
N CYS A 249 9.67 -0.31 7.03
CA CYS A 249 9.72 1.15 7.00
C CYS A 249 9.31 1.68 8.37
N PRO A 250 9.93 2.78 8.83
CA PRO A 250 9.59 3.29 10.18
C PRO A 250 8.14 3.69 10.34
N TRP A 251 7.46 4.03 9.25
CA TRP A 251 6.07 4.45 9.30
C TRP A 251 5.09 3.28 9.26
N ALA A 252 5.55 2.05 9.11
CA ALA A 252 4.67 0.94 8.78
C ALA A 252 4.16 0.16 9.97
N ASN A 253 4.61 0.48 11.19
CA ASN A 253 4.07 -0.18 12.36
C ASN A 253 4.31 0.69 13.59
N THR A 254 3.57 0.37 14.66
CA THR A 254 3.61 1.16 15.88
C THR A 254 3.02 0.34 17.01
N GLN A 255 3.44 0.60 18.24
CA GLN A 255 2.88 -0.05 19.42
C GLN A 255 1.83 0.89 20.01
N CYS A 256 0.56 0.60 19.76
CA CYS A 256 -0.54 1.53 20.00
C CYS A 256 -1.45 1.09 21.15
N GLN A 257 -0.99 0.16 22.00
CA GLN A 257 -1.85 -0.47 22.98
C GLN A 257 -2.38 0.50 24.03
N HIS A 258 -1.65 1.58 24.31
N HIS A 258 -1.65 1.58 24.30
CA HIS A 258 -2.07 2.56 25.29
CA HIS A 258 -2.06 2.56 25.30
C HIS A 258 -2.97 3.63 24.72
C HIS A 258 -2.84 3.72 24.70
N ARG A 259 -3.12 3.68 23.39
CA ARG A 259 -3.80 4.78 22.72
C ARG A 259 -5.31 4.62 22.68
N ALA A 260 -5.83 3.41 22.92
CA ALA A 260 -7.28 3.24 23.00
C ALA A 260 -7.88 4.09 24.12
N PHE A 261 -7.23 4.13 25.29
CA PHE A 261 -7.71 4.96 26.39
C PHE A 261 -7.74 6.43 25.98
N THR A 262 -6.67 6.90 25.33
CA THR A 262 -6.59 8.29 24.92
C THR A 262 -7.69 8.63 23.92
N LEU A 263 -7.92 7.74 22.95
CA LEU A 263 -9.03 7.93 22.01
C LEU A 263 -10.37 7.96 22.73
N ALA A 264 -10.58 7.02 23.65
CA ALA A 264 -11.84 6.99 24.39
C ALA A 264 -12.07 8.29 25.14
N LYS A 265 -11.03 8.82 25.81
CA LYS A 265 -11.17 10.08 26.54
C LYS A 265 -11.53 11.23 25.60
N LEU A 266 -10.89 11.29 24.43
CA LEU A 266 -11.25 12.32 23.46
C LEU A 266 -12.71 12.20 23.01
N ALA A 267 -13.24 10.99 23.00
CA ALA A 267 -14.61 10.72 22.58
C ALA A 267 -15.63 10.83 23.70
N GLY A 268 -15.21 11.21 24.92
CA GLY A 268 -16.15 11.48 26.00
C GLY A 268 -16.10 10.50 27.16
N TYR A 269 -15.16 9.55 27.15
CA TYR A 269 -15.08 8.54 28.20
C TYR A 269 -14.71 9.18 29.53
N LYS A 270 -15.40 8.77 30.59
CA LYS A 270 -15.23 9.35 31.91
C LYS A 270 -14.58 8.40 32.90
N GLY A 271 -14.22 7.18 32.48
CA GLY A 271 -13.72 6.17 33.39
C GLY A 271 -12.21 6.15 33.49
N GLU A 272 -11.71 5.10 34.12
CA GLU A 272 -10.29 4.91 34.36
C GLU A 272 -9.65 4.13 33.22
N ASP A 273 -8.31 4.11 33.21
CA ASP A 273 -7.57 3.41 32.16
C ASP A 273 -7.46 1.95 32.53
N ASN A 274 -8.48 1.18 32.17
CA ASN A 274 -8.38 -0.27 32.11
C ASN A 274 -9.01 -0.73 30.82
N ASP A 275 -8.44 -1.77 30.21
CA ASP A 275 -8.84 -2.14 28.87
C ASP A 275 -10.32 -2.48 28.79
N LYS A 276 -10.85 -3.18 29.80
CA LYS A 276 -12.24 -3.63 29.73
C LYS A 276 -13.19 -2.45 29.64
N ASP A 277 -13.04 -1.47 30.53
CA ASP A 277 -13.95 -0.31 30.53
C ASP A 277 -13.73 0.56 29.30
N VAL A 278 -12.49 0.70 28.86
CA VAL A 278 -12.20 1.46 27.64
C VAL A 278 -12.88 0.81 26.44
N LEU A 279 -12.75 -0.52 26.31
CA LEU A 279 -13.36 -1.20 25.18
C LEU A 279 -14.87 -1.08 25.20
N GLU A 280 -15.50 -1.23 26.36
CA GLU A 280 -16.97 -1.11 26.40
C GLU A 280 -17.41 0.25 25.89
N PHE A 281 -16.69 1.31 26.25
CA PHE A 281 -17.03 2.63 25.75
C PHE A 281 -16.84 2.71 24.24
N LEU A 282 -15.71 2.20 23.74
CA LEU A 282 -15.45 2.30 22.31
C LEU A 282 -16.41 1.46 21.50
N MET A 283 -16.92 0.36 22.07
CA MET A 283 -17.90 -0.46 21.36
C MET A 283 -19.23 0.26 21.17
N LYS A 284 -19.54 1.24 22.01
CA LYS A 284 -20.78 1.99 21.94
C LYS A 284 -20.66 3.28 21.13
N ALA A 285 -19.44 3.71 20.80
CA ALA A 285 -19.24 4.98 20.12
C ALA A 285 -19.71 4.91 18.66
N MLY A 286 -20.13 6.05 18.12
CA MLY A 286 -20.38 6.12 16.68
CB MLY A 286 -21.13 7.40 16.30
CG MLY A 286 -22.58 7.44 16.80
CD MLY A 286 -23.47 6.42 16.09
CE MLY A 286 -24.95 6.66 16.43
NZ MLY A 286 -25.91 5.59 15.99
CH1 MLY A 286 -25.94 5.59 14.51
CH2 MLY A 286 -27.27 5.98 16.44
C MLY A 286 -19.03 6.05 15.95
O MLY A 286 -18.05 6.66 16.40
N PRO A 287 -18.96 5.29 14.86
CA PRO A 287 -17.65 5.10 14.23
C PRO A 287 -17.09 6.41 13.65
N GLN A 288 -17.97 7.30 13.19
CA GLN A 288 -17.51 8.59 12.69
C GLN A 288 -16.81 9.40 13.76
N ASP A 289 -17.28 9.30 15.00
CA ASP A 289 -16.67 10.06 16.09
C ASP A 289 -15.25 9.57 16.36
N LEU A 290 -15.05 8.25 16.36
CA LEU A 290 -13.71 7.71 16.59
C LEU A 290 -12.75 8.13 15.48
N ILE A 291 -13.17 7.98 14.23
CA ILE A 291 -12.28 8.27 13.11
C ILE A 291 -11.95 9.76 13.04
N LYS A 292 -12.94 10.62 13.34
CA LYS A 292 -12.69 12.06 13.32
C LYS A 292 -11.63 12.47 14.33
N LEU A 293 -11.64 11.83 15.50
CA LEU A 293 -10.74 12.20 16.59
C LEU A 293 -9.36 11.59 16.45
N GLU A 294 -9.16 10.64 15.53
CA GLU A 294 -7.86 9.98 15.39
C GLU A 294 -6.69 10.95 15.24
N GLU A 295 -6.88 12.05 14.50
CA GLU A 295 -5.81 13.02 14.30
C GLU A 295 -5.33 13.67 15.60
N LYS A 296 -6.11 13.58 16.67
CA LYS A 296 -5.76 14.18 17.95
C LYS A 296 -5.15 13.19 18.94
N VAL A 297 -5.03 11.92 18.58
CA VAL A 297 -4.73 10.89 19.58
C VAL A 297 -3.26 10.94 20.03
N LEU A 298 -2.32 11.15 19.11
CA LEU A 298 -0.92 11.15 19.50
C LEU A 298 -0.66 12.22 20.55
N THR A 299 0.05 11.84 21.62
CA THR A 299 0.33 12.77 22.71
C THR A 299 1.51 13.68 22.34
N LEU A 300 1.72 14.69 23.18
CA LEU A 300 2.87 15.56 23.03
C LEU A 300 4.17 14.75 23.01
N GLU A 301 4.26 13.75 23.89
CA GLU A 301 5.47 12.92 23.95
C GLU A 301 5.65 12.11 22.68
N GLU A 302 4.56 11.54 22.16
CA GLU A 302 4.66 10.73 20.94
C GLU A 302 5.00 11.58 19.72
N ARG A 303 4.44 12.80 19.65
CA ARG A 303 4.83 13.71 18.58
C ARG A 303 6.29 14.09 18.70
N THR A 304 6.76 14.33 19.93
CA THR A 304 8.18 14.61 20.16
C THR A 304 9.05 13.46 19.68
N ASN A 305 8.60 12.23 19.89
CA ASN A 305 9.34 11.04 19.50
C ASN A 305 9.13 10.67 18.04
N MET A 306 8.38 11.49 17.30
N MET A 306 8.45 11.50 17.26
CA MET A 306 8.18 11.36 15.85
CA MET A 306 8.27 11.28 15.82
C MET A 306 7.39 10.13 15.47
C MET A 306 7.45 10.03 15.50
N VAL A 307 6.49 9.68 16.35
CA VAL A 307 5.53 8.66 15.97
C VAL A 307 4.69 9.22 14.83
N VAL A 308 4.52 8.41 13.77
CA VAL A 308 3.86 8.90 12.56
C VAL A 308 2.34 8.86 12.70
N PHE A 309 1.76 7.68 12.96
CA PHE A 309 0.31 7.54 13.06
C PHE A 309 -0.06 6.85 14.36
N PRO A 310 -1.20 7.20 14.95
CA PRO A 310 -1.56 6.57 16.24
C PRO A 310 -1.94 5.11 16.14
N PHE A 311 -2.67 4.71 15.09
CA PHE A 311 -3.11 3.34 14.91
C PHE A 311 -2.59 2.79 13.60
N GLY A 312 -2.07 1.57 13.65
CA GLY A 312 -1.61 0.89 12.47
C GLY A 312 -1.14 -0.49 12.86
N PRO A 313 -0.49 -1.17 11.93
CA PRO A 313 0.03 -2.52 12.22
C PRO A 313 0.89 -2.49 13.47
N THR A 314 0.74 -3.54 14.30
CA THR A 314 1.41 -3.57 15.59
C THR A 314 1.93 -4.98 15.87
N VAL A 315 2.93 -5.07 16.74
CA VAL A 315 3.31 -6.38 17.25
C VAL A 315 2.27 -6.80 18.28
N GLU A 316 1.59 -7.92 18.03
CA GLU A 316 0.44 -8.28 18.86
C GLU A 316 0.92 -8.74 20.24
N PRO A 317 0.24 -8.33 21.31
CA PRO A 317 0.75 -8.57 22.68
C PRO A 317 0.57 -10.00 23.19
N TYR A 318 -0.28 -10.80 22.57
CA TYR A 318 -0.47 -12.19 22.95
C TYR A 318 -0.92 -12.92 21.70
N GLN A 319 -0.81 -14.25 21.71
CA GLN A 319 -1.11 -15.06 20.55
C GLN A 319 -2.60 -15.40 20.49
N THR A 320 -3.14 -15.40 19.27
CA THR A 320 -4.49 -15.84 18.97
C THR A 320 -4.44 -16.66 17.70
N ALA A 321 -5.55 -17.35 17.41
CA ALA A 321 -5.65 -18.20 16.23
C ALA A 321 -5.37 -17.43 14.95
N ASP A 322 -5.78 -16.15 14.89
CA ASP A 322 -5.68 -15.36 13.67
C ASP A 322 -4.50 -14.40 13.68
N CYS A 323 -3.65 -14.45 14.70
CA CYS A 323 -2.52 -13.54 14.86
C CYS A 323 -1.71 -13.38 13.57
N VAL A 324 -1.48 -12.13 13.17
CA VAL A 324 -0.71 -11.86 11.96
C VAL A 324 0.75 -11.51 12.26
N LEU A 325 1.00 -10.64 13.26
CA LEU A 325 2.35 -10.17 13.58
C LEU A 325 2.70 -10.57 15.01
N PRO A 326 3.31 -11.75 15.21
CA PRO A 326 3.67 -12.16 16.56
C PRO A 326 4.96 -11.57 17.06
N LYS A 327 5.77 -10.99 16.18
CA LYS A 327 7.05 -10.40 16.53
C LYS A 327 7.23 -9.20 15.61
N HIS A 328 8.27 -8.40 15.88
CA HIS A 328 8.55 -7.27 15.00
C HIS A 328 8.81 -7.78 13.58
N PRO A 329 8.39 -7.04 12.56
CA PRO A 329 8.62 -7.50 11.17
C PRO A 329 10.08 -7.81 10.85
N ARG A 330 11.05 -7.10 11.43
CA ARG A 330 12.45 -7.42 11.19
C ARG A 330 12.77 -8.85 11.62
N GLU A 331 12.22 -9.27 12.75
CA GLU A 331 12.41 -10.66 13.18
C GLU A 331 11.61 -11.62 12.32
N MET A 332 10.39 -11.23 11.90
CA MET A 332 9.62 -12.06 10.98
C MET A 332 10.31 -12.34 9.66
N VAL A 333 11.11 -11.41 9.15
CA VAL A 333 11.84 -11.65 7.91
C VAL A 333 12.69 -12.92 8.01
N MLZ A 334 13.17 -13.22 9.22
CA MLZ A 334 14.12 -14.31 9.40
CB MLZ A 334 14.72 -14.36 10.80
CG MLZ A 334 15.54 -13.12 11.14
CD MLZ A 334 15.88 -13.11 12.63
CE MLZ A 334 17.38 -12.92 12.88
NZ MLZ A 334 17.71 -11.74 13.67
CM MLZ A 334 17.40 -10.51 12.99
C MLZ A 334 13.53 -15.72 9.07
O MLZ A 334 14.32 -16.65 8.75
N THR A 335 12.21 -15.85 9.14
CA THR A 335 11.56 -17.14 8.94
C THR A 335 10.41 -17.07 7.93
N ALA A 336 10.37 -15.98 7.13
CA ALA A 336 9.17 -15.68 6.34
C ALA A 336 9.04 -16.58 5.12
N TRP A 337 7.86 -17.16 4.94
CA TRP A 337 7.60 -17.97 3.75
C TRP A 337 7.80 -17.18 2.47
N GLY A 338 7.46 -15.89 2.48
CA GLY A 338 7.50 -15.09 1.28
C GLY A 338 8.90 -14.75 0.80
N ASN A 339 9.92 -15.05 1.61
CA ASN A 339 11.28 -14.87 1.11
C ASN A 339 11.56 -15.79 -0.07
N SER A 340 10.78 -16.85 -0.24
CA SER A 340 11.02 -17.87 -1.24
C SER A 340 10.11 -17.75 -2.46
N ILE A 341 9.49 -16.60 -2.68
CA ILE A 341 8.74 -16.38 -3.92
C ILE A 341 9.37 -15.23 -4.69
N PRO A 342 9.28 -15.23 -6.02
CA PRO A 342 9.83 -14.11 -6.80
C PRO A 342 9.24 -12.78 -6.33
N THR A 343 10.11 -11.78 -6.19
CA THR A 343 9.76 -10.50 -5.59
C THR A 343 10.30 -9.38 -6.47
N MET A 344 9.50 -8.33 -6.62
CA MET A 344 10.00 -7.13 -7.28
C MET A 344 9.73 -5.95 -6.37
N MET A 345 10.72 -5.04 -6.28
CA MET A 345 10.60 -3.84 -5.45
C MET A 345 11.03 -2.63 -6.26
N GLY A 346 10.51 -1.46 -5.89
CA GLY A 346 10.98 -0.26 -6.53
C GLY A 346 10.40 0.99 -5.90
N ASN A 347 10.80 2.13 -6.45
CA ASN A 347 10.42 3.45 -5.96
C ASN A 347 10.39 4.38 -7.16
N THR A 348 9.82 5.57 -6.96
CA THR A 348 9.90 6.63 -7.95
C THR A 348 11.22 7.39 -7.80
N SER A 349 11.49 8.26 -8.78
CA SER A 349 12.75 8.99 -8.82
C SER A 349 12.76 10.26 -7.97
N TYR A 350 11.64 10.68 -7.41
CA TYR A 350 11.64 11.79 -6.46
C TYR A 350 10.52 11.58 -5.43
N GLU A 351 10.62 10.50 -4.65
CA GLU A 351 9.55 10.11 -3.73
C GLU A 351 9.14 11.28 -2.83
N GLY A 352 10.13 11.97 -2.26
CA GLY A 352 9.88 12.97 -1.24
C GLY A 352 9.21 14.22 -1.72
N LEU A 353 9.06 14.38 -3.03
CA LEU A 353 8.30 15.49 -3.59
C LEU A 353 6.88 15.52 -3.05
N PHE A 354 6.40 14.38 -2.54
CA PHE A 354 5.12 14.28 -1.86
C PHE A 354 4.96 15.34 -0.76
N PHE A 355 6.05 15.77 -0.14
CA PHE A 355 5.97 16.69 0.99
C PHE A 355 6.02 18.17 0.57
N THR A 356 5.86 18.47 -0.72
CA THR A 356 5.95 19.84 -1.22
C THR A 356 5.02 20.77 -0.46
N SER A 357 3.74 20.39 -0.35
CA SER A 357 2.75 21.25 0.30
C SER A 357 3.09 21.49 1.77
N ILE A 358 3.54 20.43 2.46
CA ILE A 358 3.85 20.56 3.88
C ILE A 358 4.98 21.56 4.11
N LEU A 359 6.00 21.52 3.25
CA LEU A 359 7.12 22.45 3.39
C LEU A 359 6.71 23.87 3.06
N LYS A 360 5.76 24.06 2.14
CA LYS A 360 5.25 25.39 1.84
C LYS A 360 4.50 25.96 3.04
N GLN A 361 3.75 25.11 3.75
CA GLN A 361 2.98 25.58 4.89
C GLN A 361 3.83 25.84 6.11
N THR A 362 4.94 25.10 6.27
CA THR A 362 5.81 25.23 7.43
C THR A 362 7.26 25.20 6.97
N PRO A 363 7.76 26.31 6.43
CA PRO A 363 9.16 26.34 5.97
C PRO A 363 10.17 26.18 7.08
N MET A 364 9.81 26.42 8.34
CA MET A 364 10.70 26.16 9.46
C MET A 364 11.14 24.70 9.53
N LEU A 365 10.41 23.78 8.88
CA LEU A 365 10.83 22.39 8.87
C LEU A 365 12.24 22.22 8.32
N VAL A 366 12.66 23.12 7.42
CA VAL A 366 13.99 23.03 6.82
C VAL A 366 15.08 23.19 7.87
N LYS A 367 14.77 23.82 9.00
CA LYS A 367 15.76 23.98 10.07
C LYS A 367 16.16 22.64 10.67
N GLU A 368 15.34 21.59 10.51
CA GLU A 368 15.73 20.26 10.97
C GLU A 368 16.98 19.76 10.26
N LEU A 369 17.34 20.32 9.12
CA LEU A 369 18.53 19.92 8.39
C LEU A 369 19.80 20.54 8.96
N GLU A 370 19.70 21.46 9.91
CA GLU A 370 20.89 22.07 10.48
C GLU A 370 21.81 21.03 11.13
N THR A 371 21.22 20.11 11.91
CA THR A 371 21.98 19.01 12.49
C THR A 371 21.49 17.64 12.04
N CYS A 372 20.27 17.54 11.52
CA CYS A 372 19.67 16.28 11.06
C CYS A 372 19.52 15.22 12.14
N VAL A 373 19.65 15.59 13.43
CA VAL A 373 19.57 14.58 14.49
C VAL A 373 18.21 13.91 14.53
N ASN A 374 17.15 14.62 14.10
CA ASN A 374 15.82 14.05 14.16
C ASN A 374 15.57 12.99 13.10
N PHE A 375 16.49 12.83 12.14
CA PHE A 375 16.38 11.82 11.11
C PHE A 375 17.20 10.57 11.39
N VAL A 376 18.03 10.59 12.43
CA VAL A 376 18.81 9.40 12.79
C VAL A 376 17.86 8.29 13.21
N PRO A 377 18.03 7.07 12.70
CA PRO A 377 17.15 5.96 13.13
C PRO A 377 17.06 5.88 14.63
N SER A 378 15.85 5.64 15.13
N SER A 378 15.84 5.64 15.12
CA SER A 378 15.60 5.68 16.57
CA SER A 378 15.58 5.66 16.55
C SER A 378 16.44 4.67 17.33
C SER A 378 16.44 4.68 17.32
N GLU A 379 16.76 3.52 16.71
CA GLU A 379 17.56 2.51 17.39
C GLU A 379 19.03 2.93 17.56
N LEU A 380 19.46 3.99 16.89
CA LEU A 380 20.82 4.50 17.03
C LEU A 380 20.92 5.74 17.89
N ALA A 381 19.81 6.46 18.08
CA ALA A 381 19.83 7.77 18.72
C ALA A 381 19.64 7.64 20.23
N ASP A 382 20.33 8.50 20.98
CA ASP A 382 20.02 8.62 22.40
C ASP A 382 18.66 9.30 22.58
N ALA A 383 18.09 9.11 23.77
CA ALA A 383 16.72 9.58 24.02
C ALA A 383 16.58 11.08 23.80
N GLU A 384 17.54 11.88 24.25
CA GLU A 384 17.46 13.33 24.07
C GLU A 384 17.98 13.80 22.72
N ARG A 385 18.59 12.93 21.92
CA ARG A 385 19.19 13.30 20.64
C ARG A 385 20.24 14.40 20.78
N THR A 386 20.97 14.38 21.90
CA THR A 386 22.02 15.35 22.16
C THR A 386 23.40 14.72 22.30
N ALA A 387 23.50 13.40 22.30
CA ALA A 387 24.80 12.76 22.52
C ALA A 387 25.72 13.02 21.33
N PRO A 388 27.02 13.21 21.58
CA PRO A 388 27.96 13.44 20.46
C PRO A 388 27.87 12.41 19.34
N GLU A 389 27.71 11.12 19.69
CA GLU A 389 27.59 10.10 18.66
C GLU A 389 26.35 10.32 17.79
N THR A 390 25.25 10.78 18.40
CA THR A 390 24.04 11.06 17.63
C THR A 390 24.24 12.25 16.71
N LEU A 391 24.92 13.29 17.19
CA LEU A 391 25.22 14.44 16.34
C LEU A 391 26.11 14.03 15.17
N GLU A 392 27.05 13.13 15.41
CA GLU A 392 27.91 12.67 14.32
C GLU A 392 27.11 11.89 13.27
N MET A 393 26.14 11.07 13.71
CA MET A 393 25.28 10.39 12.75
C MET A 393 24.44 11.39 11.97
N GLY A 394 23.89 12.39 12.67
CA GLY A 394 23.16 13.42 11.97
C GLY A 394 24.00 14.17 10.95
N ALA A 395 25.27 14.40 11.27
CA ALA A 395 26.17 15.07 10.33
C ALA A 395 26.35 14.27 9.04
N MLY A 396 26.31 12.94 9.15
CA MLY A 396 26.42 12.09 7.97
CB MLY A 396 26.69 10.64 8.39
CG MLY A 396 27.99 10.53 9.16
CD MLY A 396 28.48 9.11 9.37
CE MLY A 396 29.88 9.15 9.98
NZ MLY A 396 30.49 7.81 10.19
CH1 MLY A 396 30.61 7.17 8.88
CH2 MLY A 396 31.86 8.04 10.67
C MLY A 396 25.19 12.19 7.07
O MLY A 396 25.31 12.26 5.85
N ILE A 397 24.01 12.22 7.68
CA ILE A 397 22.78 12.46 6.95
C ILE A 397 22.84 13.83 6.26
N MLY A 398 23.32 14.83 6.98
CA MLY A 398 23.38 16.19 6.46
CB MLY A 398 23.85 17.18 7.52
CG MLY A 398 23.76 18.62 7.04
CD MLY A 398 24.29 19.60 8.08
CE MLY A 398 24.06 21.03 7.62
NZ MLY A 398 24.41 22.03 8.67
CH1 MLY A 398 25.88 22.07 8.77
CH2 MLY A 398 23.96 23.35 8.22
C MLY A 398 24.30 16.27 5.24
O MLY A 398 23.94 16.90 4.23
N LYS A 399 25.46 15.64 5.32
CA LYS A 399 26.38 15.61 4.19
C LYS A 399 25.76 14.93 2.98
N ALA A 400 24.93 13.92 3.23
CA ALA A 400 24.31 13.20 2.13
C ALA A 400 23.32 14.06 1.36
N HIS A 401 22.62 14.98 2.03
CA HIS A 401 21.48 15.65 1.40
C HIS A 401 21.60 17.16 1.28
N VAL A 402 22.43 17.83 2.07
CA VAL A 402 22.56 19.27 2.00
C VAL A 402 23.71 19.57 1.05
N THR A 403 23.36 19.98 -0.17
CA THR A 403 24.31 20.09 -1.27
C THR A 403 24.84 21.51 -1.45
N GLY A 404 24.25 22.51 -0.79
CA GLY A 404 24.67 23.88 -0.92
C GLY A 404 25.02 24.47 0.43
N GLU A 405 25.22 25.79 0.50
CA GLU A 405 25.64 26.38 1.76
C GLU A 405 24.50 26.37 2.77
N THR A 406 23.27 26.55 2.31
CA THR A 406 22.10 26.61 3.18
C THR A 406 21.15 25.48 2.82
N PRO A 407 20.61 24.76 3.80
CA PRO A 407 19.63 23.71 3.48
C PRO A 407 18.39 24.29 2.82
N THR A 408 17.84 23.53 1.88
CA THR A 408 16.68 23.93 1.11
C THR A 408 15.55 22.92 1.25
N ALA A 409 14.37 23.33 0.76
CA ALA A 409 13.22 22.43 0.74
C ALA A 409 13.48 21.20 -0.12
N ASP A 410 14.17 21.39 -1.26
CA ASP A 410 14.51 20.23 -2.09
C ASP A 410 15.44 19.27 -1.39
N ASN A 411 16.40 19.79 -0.61
CA ASN A 411 17.25 18.91 0.19
C ASN A 411 16.39 18.11 1.17
N PHE A 412 15.44 18.76 1.83
CA PHE A 412 14.55 18.08 2.76
C PHE A 412 13.78 16.97 2.07
N MET A 413 13.26 17.25 0.89
CA MET A 413 12.42 16.28 0.20
C MET A 413 13.27 15.11 -0.28
N ASP A 414 14.51 15.38 -0.70
CA ASP A 414 15.43 14.30 -1.05
C ASP A 414 15.72 13.41 0.14
N LEU A 415 15.96 14.03 1.30
CA LEU A 415 16.13 13.26 2.52
C LEU A 415 14.92 12.36 2.77
N CYS A 416 13.72 12.91 2.61
CA CYS A 416 12.50 12.14 2.82
C CYS A 416 12.43 10.91 1.92
N SER A 417 12.89 11.02 0.67
CA SER A 417 12.89 9.84 -0.20
C SER A 417 13.67 8.71 0.43
N HIS A 418 14.75 9.05 1.14
CA HIS A 418 15.65 8.04 1.68
C HIS A 418 15.15 7.49 3.00
N ILE A 419 14.74 8.36 3.93
CA ILE A 419 14.33 7.89 5.24
C ILE A 419 13.09 7.01 5.16
N TYR A 420 12.19 7.33 4.23
CA TYR A 420 10.91 6.62 4.19
C TYR A 420 10.86 5.48 3.17
N PHE A 421 11.76 5.47 2.18
CA PHE A 421 11.64 4.51 1.07
C PHE A 421 12.96 3.82 0.75
N TRP A 422 13.98 4.55 0.28
CA TRP A 422 15.19 3.88 -0.21
C TRP A 422 15.95 3.17 0.89
N PHE A 423 16.13 3.82 2.05
CA PHE A 423 16.92 3.18 3.10
C PHE A 423 16.24 1.93 3.65
N PRO A 424 14.95 1.94 3.99
CA PRO A 424 14.30 0.68 4.38
C PRO A 424 14.34 -0.38 3.30
N MET A 425 14.28 -0.01 2.02
CA MET A 425 14.41 -1.01 0.96
C MET A 425 15.77 -1.69 1.03
N HIS A 426 16.84 -0.88 1.15
CA HIS A 426 18.19 -1.42 1.28
C HIS A 426 18.31 -2.33 2.49
N ARG A 427 17.80 -1.87 3.64
CA ARG A 427 17.90 -2.69 4.85
C ARG A 427 17.17 -4.02 4.68
N LEU A 428 16.01 -4.00 4.00
CA LEU A 428 15.27 -5.23 3.77
C LEU A 428 16.04 -6.18 2.86
N LEU A 429 16.58 -5.66 1.75
CA LEU A 429 17.33 -6.52 0.85
C LEU A 429 18.48 -7.20 1.58
N GLN A 430 19.20 -6.45 2.41
CA GLN A 430 20.35 -7.02 3.08
C GLN A 430 19.95 -7.99 4.18
N LEU A 431 18.85 -7.70 4.90
CA LEU A 431 18.38 -8.64 5.92
C LEU A 431 17.93 -9.94 5.26
N ARG A 432 17.13 -9.83 4.18
N ARG A 432 17.31 -9.84 4.11
CA ARG A 432 16.48 -10.96 3.51
CA ARG A 432 16.94 -11.03 3.37
C ARG A 432 17.49 -11.91 2.88
C ARG A 432 18.17 -11.81 2.92
N PHE A 433 18.62 -11.38 2.37
N PHE A 433 19.29 -11.11 2.67
CA PHE A 433 19.62 -12.24 1.74
CA PHE A 433 20.54 -11.78 2.29
C PHE A 433 20.13 -13.31 2.70
C PHE A 433 21.32 -12.30 3.50
N ASN A 434 20.08 -13.05 4.01
N ASN A 434 21.31 -11.56 4.61
CA ASN A 434 20.50 -14.04 5.00
CA ASN A 434 22.15 -11.88 5.75
C ASN A 434 19.45 -15.11 5.27
C ASN A 434 21.57 -12.96 6.65
N HIS A 435 18.29 -15.05 4.61
N HIS A 435 20.27 -13.27 6.52
CA HIS A 435 17.15 -15.88 4.98
CA HIS A 435 19.62 -14.23 7.40
C HIS A 435 16.37 -16.34 3.76
C HIS A 435 18.80 -15.29 6.69
N THR A 436 17.08 -16.63 2.66
N THR A 436 18.65 -15.23 5.36
CA THR A 436 16.45 -17.08 1.43
CA THR A 436 17.78 -16.13 4.63
C THR A 436 17.43 -17.97 0.68
C THR A 436 18.44 -16.56 3.32
N SER A 437 16.90 -18.71 -0.30
N SER A 437 17.78 -17.51 2.65
CA SER A 437 17.66 -19.69 -1.05
CA SER A 437 18.09 -17.89 1.28
C SER A 437 17.79 -19.34 -2.53
C SER A 437 17.08 -17.30 0.31
N GLY A 438 18.25 -18.12 -2.83
N GLY A 438 16.66 -16.07 0.56
CA GLY A 438 18.45 -17.72 -4.21
CA GLY A 438 15.56 -15.50 -0.18
C GLY A 438 17.20 -17.30 -4.95
C GLY A 438 15.87 -15.32 -1.65
N THR A 439 16.05 -17.25 -4.29
N THR A 439 14.82 -15.35 -2.46
CA THR A 439 14.83 -16.77 -4.93
CA THR A 439 14.96 -15.16 -3.90
C THR A 439 15.05 -15.34 -5.41
C THR A 439 15.59 -13.80 -4.17
N PRO A 440 14.73 -15.03 -6.67
N PRO A 440 16.55 -13.71 -5.08
CA PRO A 440 15.15 -13.74 -7.23
CA PRO A 440 17.05 -12.39 -5.50
C PRO A 440 14.34 -12.55 -6.76
C PRO A 440 15.91 -11.54 -6.06
N VAL A 441 15.04 -11.43 -6.60
N VAL A 441 15.91 -10.27 -5.68
CA VAL A 441 14.44 -10.12 -6.36
CA VAL A 441 14.79 -9.37 -5.92
C VAL A 441 14.96 -9.15 -7.42
C VAL A 441 15.06 -8.57 -7.18
N TYR A 442 14.04 -8.39 -8.03
CA TYR A 442 14.25 -7.46 -9.15
C TYR A 442 13.88 -6.06 -8.69
N LEU A 443 14.69 -5.06 -9.09
CA LEU A 443 14.43 -3.66 -8.74
C LEU A 443 14.04 -2.84 -9.96
N TYR A 444 13.04 -1.97 -9.80
CA TYR A 444 12.68 -0.97 -10.79
C TYR A 444 12.77 0.42 -10.16
N ARG A 445 12.87 1.43 -11.03
CA ARG A 445 12.83 2.82 -10.63
C ARG A 445 11.92 3.56 -11.60
N PHE A 446 10.82 4.11 -11.10
CA PHE A 446 9.86 4.78 -11.97
C PHE A 446 10.25 6.24 -12.11
N ASP A 447 10.60 6.65 -13.33
CA ASP A 447 11.27 7.92 -13.60
C ASP A 447 10.64 8.60 -14.81
N PHE A 448 9.33 8.47 -14.96
CA PHE A 448 8.60 9.04 -16.10
C PHE A 448 7.71 10.16 -15.60
N ASP A 449 7.95 11.39 -16.07
CA ASP A 449 7.28 12.58 -15.56
C ASP A 449 6.32 13.14 -16.61
N SER A 450 5.08 13.37 -16.21
CA SER A 450 4.10 13.97 -17.10
C SER A 450 3.01 14.60 -16.26
N GLU A 451 2.46 15.71 -16.74
CA GLU A 451 1.24 16.23 -16.16
C GLU A 451 0.05 16.07 -17.10
N ASP A 452 0.22 15.38 -18.23
CA ASP A 452 -0.90 15.13 -19.12
C ASP A 452 -1.78 13.99 -18.65
N LEU A 453 -1.26 13.09 -17.81
CA LEU A 453 -2.03 12.02 -17.20
C LEU A 453 -1.67 12.00 -15.73
N ILE A 454 -2.66 12.26 -14.87
CA ILE A 454 -2.43 12.45 -13.45
C ILE A 454 -3.40 11.58 -12.66
N ASN A 455 -3.24 11.61 -11.34
CA ASN A 455 -4.14 10.91 -10.44
C ASN A 455 -4.40 11.79 -9.22
N PRO A 456 -5.45 11.50 -8.45
CA PRO A 456 -5.87 12.41 -7.38
C PRO A 456 -4.83 12.70 -6.33
N TYR A 457 -3.78 11.88 -6.21
CA TYR A 457 -2.73 12.16 -5.22
C TYR A 457 -2.05 13.49 -5.52
N ARG A 458 -1.98 13.87 -6.80
CA ARG A 458 -1.39 15.16 -7.15
C ARG A 458 -2.19 16.32 -6.57
N ILE A 459 -3.52 16.19 -6.53
CA ILE A 459 -4.35 17.24 -5.92
C ILE A 459 -4.14 17.28 -4.42
N MET A 460 -4.10 16.09 -3.80
CA MET A 460 -3.90 16.01 -2.35
C MET A 460 -2.62 16.71 -1.94
N ARG A 461 -1.57 16.59 -2.74
CA ARG A 461 -0.27 17.17 -2.43
C ARG A 461 -0.09 18.58 -2.98
N SER A 462 -1.15 19.18 -3.54
CA SER A 462 -1.08 20.49 -4.17
C SER A 462 0.06 20.56 -5.19
N GLY A 463 0.11 19.58 -6.09
CA GLY A 463 1.22 19.43 -7.00
C GLY A 463 1.01 19.87 -8.43
N ARG A 464 0.03 20.74 -8.68
CA ARG A 464 -0.17 21.27 -10.03
C ARG A 464 1.04 22.08 -10.45
N GLY A 465 1.52 21.82 -11.67
CA GLY A 465 2.68 22.51 -12.19
C GLY A 465 4.01 22.12 -11.56
N VAL A 466 4.02 21.13 -10.65
CA VAL A 466 5.25 20.71 -10.01
C VAL A 466 5.94 19.61 -10.81
N MLY A 467 7.17 19.84 -11.23
CA MLY A 467 7.95 18.86 -11.99
CB MLY A 467 9.01 19.55 -12.84
CG MLY A 467 8.45 20.58 -13.82
CD MLY A 467 7.50 19.94 -14.83
CE MLY A 467 8.19 18.87 -15.68
NZ MLY A 467 7.27 18.28 -16.71
CH1 MLY A 467 7.98 17.18 -17.37
CH2 MLY A 467 6.13 17.68 -16.01
C MLY A 467 8.63 17.85 -11.07
O MLY A 467 9.07 18.20 -9.96
N GLY A 468 8.74 16.61 -11.53
CA GLY A 468 9.37 15.55 -10.75
C GLY A 468 8.40 14.40 -10.50
N VAL A 469 8.93 13.22 -10.24
CA VAL A 469 8.13 12.00 -10.12
C VAL A 469 7.95 11.69 -8.63
N SER A 470 6.85 12.18 -8.08
CA SER A 470 6.53 12.04 -6.66
C SER A 470 6.03 10.63 -6.36
N HIS A 471 6.10 10.28 -5.07
CA HIS A 471 5.37 9.15 -4.51
C HIS A 471 3.96 9.11 -5.10
N ALA A 472 3.56 7.94 -5.58
CA ALA A 472 2.22 7.62 -6.09
C ALA A 472 1.98 8.12 -7.51
N ASP A 473 2.93 8.84 -8.13
CA ASP A 473 2.69 9.28 -9.50
C ASP A 473 2.60 8.12 -10.49
N GLU A 474 3.20 6.97 -10.17
CA GLU A 474 3.17 5.84 -11.09
C GLU A 474 1.78 5.22 -11.18
N LEU A 475 0.90 5.45 -10.20
CA LEU A 475 -0.41 4.81 -10.22
C LEU A 475 -1.21 5.20 -11.44
N SER A 476 -0.94 6.38 -12.01
CA SER A 476 -1.65 6.82 -13.21
C SER A 476 -1.40 5.91 -14.40
N TYR A 477 -0.35 5.12 -14.37
CA TYR A 477 0.02 4.25 -15.48
C TYR A 477 -0.42 2.82 -15.25
N PHE A 478 -1.01 2.53 -14.09
CA PHE A 478 -1.58 1.24 -13.72
C PHE A 478 -3.08 1.23 -13.68
N PHE A 479 -3.72 2.32 -13.24
CA PHE A 479 -5.14 2.36 -12.97
C PHE A 479 -5.76 3.56 -13.64
N TRP A 480 -6.91 3.36 -14.26
CA TRP A 480 -7.76 4.47 -14.67
C TRP A 480 -8.30 5.16 -13.42
N ASN A 481 -8.52 6.46 -13.51
CA ASN A 481 -9.11 7.20 -12.39
C ASN A 481 -9.91 8.35 -12.97
N GLN A 482 -10.70 9.02 -12.12
CA GLN A 482 -11.62 10.03 -12.63
C GLN A 482 -10.96 11.28 -13.16
N LEU A 483 -9.66 11.47 -12.94
CA LEU A 483 -8.93 12.58 -13.53
C LEU A 483 -8.24 12.20 -14.84
N ALA A 484 -8.27 10.92 -15.21
CA ALA A 484 -7.58 10.46 -16.39
C ALA A 484 -8.36 10.87 -17.64
N LYS A 485 -7.66 10.86 -18.77
CA LYS A 485 -8.28 11.07 -20.07
C LYS A 485 -7.68 10.06 -21.04
N ARG A 486 -8.40 9.83 -22.14
N ARG A 486 -8.40 9.81 -22.14
CA ARG A 486 -7.89 8.98 -23.21
CA ARG A 486 -7.87 8.97 -23.19
C ARG A 486 -6.64 9.61 -23.81
C ARG A 486 -6.62 9.61 -23.78
N MET A 487 -5.57 8.83 -23.91
CA MET A 487 -4.33 9.34 -24.48
C MET A 487 -4.11 8.77 -25.87
N PRO A 488 -3.50 9.54 -26.78
CA PRO A 488 -3.21 9.04 -28.13
C PRO A 488 -2.33 7.81 -28.07
N LYS A 489 -2.56 6.90 -29.00
CA LYS A 489 -1.82 5.64 -29.05
C LYS A 489 -0.32 5.87 -29.17
N GLU A 490 0.10 6.94 -29.85
CA GLU A 490 1.50 7.23 -30.05
C GLU A 490 2.11 8.05 -28.92
N SER A 491 1.32 8.44 -27.91
CA SER A 491 1.81 9.34 -26.89
C SER A 491 2.73 8.65 -25.90
N ARG A 492 3.65 9.44 -25.33
CA ARG A 492 4.55 8.87 -24.33
C ARG A 492 3.78 8.33 -23.13
N GLU A 493 2.63 8.92 -22.78
CA GLU A 493 1.85 8.42 -21.65
C GLU A 493 1.24 7.06 -21.96
N TYR A 494 0.66 6.91 -23.15
CA TYR A 494 0.05 5.65 -23.53
C TYR A 494 1.08 4.52 -23.53
N MLY A 495 2.27 4.80 -24.08
CA MLY A 495 3.33 3.81 -24.10
CB MLY A 495 4.55 4.32 -24.88
CG MLY A 495 4.28 4.48 -26.35
CD MLY A 495 5.49 5.07 -27.08
CE MLY A 495 5.15 5.49 -28.49
NZ MLY A 495 6.27 6.25 -29.11
CH1 MLY A 495 5.84 6.63 -30.46
CH2 MLY A 495 6.39 7.50 -28.33
C MLY A 495 3.75 3.40 -22.69
O MLY A 495 4.03 2.23 -22.41
N THR A 496 3.76 4.37 -21.76
CA THR A 496 4.09 4.06 -20.38
C THR A 496 3.02 3.19 -19.70
N ILE A 497 1.74 3.42 -19.99
CA ILE A 497 0.70 2.50 -19.52
C ILE A 497 1.00 1.09 -20.00
N GLU A 498 1.24 0.93 -21.30
N GLU A 498 1.27 0.92 -21.29
CA GLU A 498 1.51 -0.39 -21.86
CA GLU A 498 1.49 -0.42 -21.84
C GLU A 498 2.72 -1.04 -21.19
C GLU A 498 2.74 -1.05 -21.24
N ARG A 499 3.78 -0.25 -21.00
CA ARG A 499 5.01 -0.80 -20.43
C ARG A 499 4.83 -1.20 -18.98
N MET A 500 4.19 -0.34 -18.16
CA MET A 500 4.07 -0.64 -16.74
C MET A 500 3.12 -1.81 -16.50
N THR A 501 1.93 -1.78 -17.09
CA THR A 501 1.05 -2.93 -16.94
C THR A 501 1.68 -4.17 -17.55
N GLY A 502 2.37 -4.02 -18.68
CA GLY A 502 2.98 -5.17 -19.34
C GLY A 502 4.03 -5.83 -18.49
N ILE A 503 4.90 -5.03 -17.86
CA ILE A 503 5.94 -5.58 -17.00
C ILE A 503 5.33 -6.26 -15.78
N TRP A 504 4.32 -5.63 -15.18
CA TRP A 504 3.69 -6.23 -14.01
C TRP A 504 3.03 -7.56 -14.38
N ILE A 505 2.35 -7.60 -15.53
CA ILE A 505 1.70 -8.84 -15.98
C ILE A 505 2.75 -9.90 -16.30
N GLN A 506 3.85 -9.50 -16.94
CA GLN A 506 4.91 -10.46 -17.24
C GLN A 506 5.48 -11.06 -15.96
N PHE A 507 5.76 -10.21 -14.97
CA PHE A 507 6.26 -10.69 -13.68
C PHE A 507 5.25 -11.59 -13.00
N ALA A 508 3.98 -11.17 -12.98
CA ALA A 508 2.94 -12.00 -12.38
C ALA A 508 2.88 -13.37 -13.05
N THR A 509 3.07 -13.41 -14.38
CA THR A 509 2.96 -14.67 -15.10
C THR A 509 4.12 -15.60 -14.76
N THR A 510 5.34 -15.11 -14.85
CA THR A 510 6.52 -15.97 -14.88
C THR A 510 7.46 -15.80 -13.70
N GLY A 511 7.30 -14.76 -12.89
CA GLY A 511 8.30 -14.45 -11.88
C GLY A 511 9.53 -13.75 -12.39
N ASN A 512 9.55 -13.36 -13.66
CA ASN A 512 10.65 -12.66 -14.31
C ASN A 512 10.04 -11.49 -15.05
N PRO A 513 10.41 -10.25 -14.74
CA PRO A 513 9.71 -9.09 -15.32
C PRO A 513 10.10 -8.77 -16.75
N TYR A 514 11.10 -9.44 -17.32
CA TYR A 514 11.53 -9.15 -18.68
C TYR A 514 10.68 -9.90 -19.71
N SER A 515 10.27 -9.18 -20.75
CA SER A 515 9.73 -9.82 -21.95
C SER A 515 10.13 -9.02 -23.18
N ASN A 516 10.60 -9.72 -24.21
CA ASN A 516 10.95 -9.05 -25.45
C ASN A 516 9.73 -8.56 -26.22
N GLU A 517 8.52 -8.89 -25.77
CA GLU A 517 7.30 -8.43 -26.40
C GLU A 517 6.87 -7.05 -25.91
N ILE A 518 7.53 -6.51 -24.89
CA ILE A 518 7.21 -5.19 -24.36
C ILE A 518 8.03 -4.18 -25.13
N GLU A 519 7.37 -3.21 -25.74
CA GLU A 519 8.05 -2.28 -26.65
C GLU A 519 9.09 -1.46 -25.89
N GLY A 520 10.29 -1.40 -26.45
CA GLY A 520 11.39 -0.70 -25.81
C GLY A 520 12.17 -1.53 -24.82
N MET A 521 11.80 -2.78 -24.60
CA MET A 521 12.45 -3.62 -23.62
C MET A 521 13.30 -4.71 -24.26
N GLU A 522 13.40 -4.70 -25.59
CA GLU A 522 14.08 -5.79 -26.32
C GLU A 522 15.55 -5.92 -25.91
N ASN A 523 16.24 -4.81 -25.67
CA ASN A 523 17.66 -4.82 -25.36
C ASN A 523 17.96 -4.70 -23.88
N VAL A 524 17.01 -5.09 -23.03
CA VAL A 524 17.17 -5.02 -21.58
C VAL A 524 17.68 -6.36 -21.09
N SER A 525 18.72 -6.33 -20.25
CA SER A 525 19.20 -7.50 -19.53
C SER A 525 19.01 -7.19 -18.05
N TRP A 526 17.91 -7.67 -17.47
CA TRP A 526 17.48 -7.27 -16.14
C TRP A 526 17.78 -8.40 -15.17
N ASP A 527 18.89 -8.28 -14.48
CA ASP A 527 19.27 -9.30 -13.50
C ASP A 527 18.72 -8.95 -12.13
N PRO A 528 18.36 -9.96 -11.36
CA PRO A 528 17.98 -9.72 -9.96
C PRO A 528 19.21 -9.39 -9.12
N ILE A 529 18.96 -8.83 -7.95
CA ILE A 529 20.04 -8.41 -7.06
C ILE A 529 20.68 -9.64 -6.41
N LYS A 530 22.02 -9.70 -6.44
CA LYS A 530 22.77 -10.76 -5.77
C LYS A 530 23.30 -10.26 -4.43
N LYS A 531 23.51 -11.21 -3.50
CA LYS A 531 24.10 -10.87 -2.22
C LYS A 531 25.45 -10.17 -2.37
N SER A 532 26.23 -10.55 -3.38
CA SER A 532 27.55 -9.99 -3.59
C SER A 532 27.52 -8.62 -4.25
N ASP A 533 26.36 -8.12 -4.66
CA ASP A 533 26.30 -6.82 -5.33
C ASP A 533 26.58 -5.71 -4.32
N GLU A 534 27.50 -4.81 -4.67
CA GLU A 534 27.74 -3.62 -3.88
C GLU A 534 26.96 -2.42 -4.39
N VAL A 535 26.61 -2.41 -5.66
CA VAL A 535 25.81 -1.36 -6.27
C VAL A 535 24.61 -2.03 -6.91
N TYR A 536 23.42 -1.61 -6.52
CA TYR A 536 22.21 -2.17 -7.09
C TYR A 536 22.01 -1.70 -8.52
N MLZ A 537 21.55 -2.61 -9.38
CA MLZ A 537 21.09 -2.24 -10.70
CB MLZ A 537 21.62 -3.12 -11.82
CG MLZ A 537 23.09 -2.88 -12.12
CD MLZ A 537 23.37 -3.00 -13.61
CE MLZ A 537 24.68 -2.30 -13.97
NZ MLZ A 537 24.72 -1.76 -15.31
CM MLZ A 537 23.46 -1.20 -15.76
C MLZ A 537 19.53 -2.28 -10.75
O MLZ A 537 18.89 -3.15 -10.08
N CYS A 538 18.93 -1.37 -11.49
CA CYS A 538 17.48 -1.36 -11.60
C CYS A 538 17.06 -1.09 -13.04
N LEU A 539 15.86 -1.50 -13.41
CA LEU A 539 15.27 -1.02 -14.65
C LEU A 539 14.71 0.38 -14.38
N ASN A 540 15.30 1.38 -15.00
CA ASN A 540 14.80 2.75 -14.92
C ASN A 540 13.79 2.98 -16.04
N ILE A 541 12.56 3.33 -15.67
CA ILE A 541 11.49 3.60 -16.62
C ILE A 541 11.39 5.11 -16.79
N SER A 542 11.88 5.61 -17.93
CA SER A 542 11.65 7.01 -18.27
C SER A 542 10.88 6.97 -19.58
N ASP A 543 11.16 7.89 -20.51
CA ASP A 543 10.66 7.69 -21.87
C ASP A 543 11.26 6.45 -22.51
N GLU A 544 12.38 5.95 -21.98
CA GLU A 544 13.01 4.71 -22.42
C GLU A 544 13.08 3.75 -21.24
N LEU A 545 13.34 2.49 -21.55
CA LEU A 545 13.57 1.45 -20.54
C LEU A 545 15.05 1.10 -20.57
N LYS A 546 15.75 1.35 -19.46
CA LYS A 546 17.20 1.18 -19.43
C LYS A 546 17.65 0.64 -18.07
N MET A 547 18.53 -0.36 -18.09
CA MET A 547 19.18 -0.83 -16.88
C MET A 547 20.26 0.16 -16.47
N ILE A 548 20.24 0.58 -15.21
CA ILE A 548 21.19 1.56 -14.70
C ILE A 548 21.58 1.19 -13.27
N ASP A 549 22.74 1.71 -12.85
CA ASP A 549 23.06 1.71 -11.44
C ASP A 549 22.06 2.61 -10.72
N VAL A 550 21.54 2.15 -9.59
CA VAL A 550 20.57 2.93 -8.84
C VAL A 550 21.22 4.27 -8.51
N PRO A 551 20.70 5.40 -8.99
CA PRO A 551 21.35 6.69 -8.71
C PRO A 551 21.42 7.03 -7.25
N GLU A 552 20.49 6.51 -6.47
CA GLU A 552 20.41 6.72 -5.03
C GLU A 552 21.46 5.95 -4.24
N MET A 553 22.30 5.15 -4.90
CA MET A 553 23.16 4.21 -4.15
C MET A 553 24.14 4.92 -3.23
N ASP A 554 24.77 5.99 -3.70
N ASP A 554 24.79 5.98 -3.71
CA ASP A 554 25.76 6.69 -2.88
CA ASP A 554 25.77 6.67 -2.86
C ASP A 554 25.17 7.21 -1.58
C ASP A 554 25.15 7.18 -1.57
N MLY A 555 23.96 7.77 -1.67
CA MLY A 555 23.27 8.26 -0.48
CB MLY A 555 22.09 9.14 -0.87
CG MLY A 555 22.55 10.48 -1.41
CD MLY A 555 21.48 11.25 -2.17
CE MLY A 555 22.02 12.60 -2.64
NZ MLY A 555 21.02 13.36 -3.43
CH1 MLY A 555 21.58 14.71 -3.66
CH2 MLY A 555 20.92 12.74 -4.75
C MLY A 555 22.84 7.09 0.42
O MLY A 555 22.92 7.18 1.64
N ILE A 556 22.39 5.99 -0.19
CA ILE A 556 22.03 4.80 0.57
C ILE A 556 23.24 4.34 1.40
N MLY A 557 24.42 4.32 0.77
CA MLY A 557 25.65 3.91 1.46
CB MLY A 557 26.81 3.79 0.47
CG MLY A 557 26.64 2.68 -0.56
CD MLY A 557 26.33 1.34 0.09
CE MLY A 557 27.53 0.80 0.86
NZ MLY A 557 27.33 -0.60 1.31
CH1 MLY A 557 27.26 -1.43 0.09
CH2 MLY A 557 28.55 -1.00 2.02
C MLY A 557 26.02 4.86 2.61
O MLY A 557 26.49 4.43 3.65
N GLN A 558 25.76 6.15 2.41
CA GLN A 558 26.01 7.11 3.48
C GLN A 558 25.07 6.87 4.68
N TRP A 559 23.80 6.57 4.42
CA TRP A 559 22.90 6.17 5.51
C TRP A 559 23.40 4.90 6.20
N GLU A 560 23.80 3.90 5.41
CA GLU A 560 24.30 2.66 6.00
C GLU A 560 25.52 2.91 6.88
N SER A 561 26.35 3.90 6.53
CA SER A 561 27.58 4.14 7.28
C SER A 561 27.30 4.50 8.74
N MET A 562 26.08 4.92 9.05
CA MET A 562 25.70 5.29 10.40
C MET A 562 25.72 4.04 11.31
N PHE A 563 25.67 2.85 10.71
CA PHE A 563 25.64 1.58 11.43
C PHE A 563 27.01 0.91 11.53
N GLU A 564 28.07 1.58 11.12
CA GLU A 564 29.40 0.96 11.07
C GLU A 564 29.84 0.45 12.43
N MLY A 565 29.45 1.16 13.49
CA MLY A 565 29.85 0.79 14.84
CB MLY A 565 30.41 2.01 15.57
CG MLY A 565 31.71 2.47 14.91
CD MLY A 565 32.26 3.78 15.47
CE MLY A 565 33.54 4.17 14.73
NZ MLY A 565 33.97 5.52 15.13
CH1 MLY A 565 34.48 5.42 16.51
CH2 MLY A 565 35.08 5.87 14.23
C MLY A 565 28.70 0.13 15.59
O MLY A 565 28.78 -0.11 16.79
N HIS A 566 27.62 -0.18 14.85
CA HIS A 566 26.44 -0.84 15.41
C HIS A 566 25.83 -1.79 14.37
N ARG A 567 26.67 -2.69 13.84
CA ARG A 567 26.25 -3.50 12.70
C ARG A 567 25.14 -4.47 13.06
N ASP A 568 25.06 -4.88 14.34
CA ASP A 568 24.00 -5.78 14.78
C ASP A 568 22.61 -5.17 14.64
N LEU A 569 22.51 -3.85 14.53
CA LEU A 569 21.22 -3.17 14.38
C LEU A 569 20.86 -2.87 12.93
N PHE A 570 21.79 -3.03 11.99
CA PHE A 570 21.51 -2.68 10.60
C PHE A 570 20.41 -3.56 10.01
C1 EDO B . 9.10 21.99 -4.89
O1 EDO B . 8.17 20.90 -4.95
C2 EDO B . 9.92 22.05 -6.17
O2 EDO B . 10.65 20.82 -6.34
C1 EDO C . -3.00 -15.87 -19.82
O1 EDO C . -4.41 -15.77 -19.99
C2 EDO C . -2.32 -14.76 -20.62
O2 EDO C . -2.15 -13.61 -19.79
C1 MPD D . 4.23 6.62 3.25
C2 MPD D . 3.97 8.04 3.74
O2 MPD D . 2.57 8.33 3.57
CM MPD D . 4.76 9.00 2.86
C3 MPD D . 4.33 8.11 5.24
C4 MPD D . 4.43 9.48 5.93
O4 MPD D . 5.65 10.12 5.60
C5 MPD D . 3.26 10.42 5.67
C1 EDO E . -16.37 4.70 -8.72
O1 EDO E . -16.70 5.52 -7.60
C2 EDO E . -17.65 4.26 -9.44
O2 EDO E . -17.33 3.73 -10.72
C1 EDO F . -11.70 -6.43 -24.15
O1 EDO F . -11.81 -7.85 -24.33
C2 EDO F . -10.57 -6.11 -23.18
O2 EDO F . -9.32 -6.52 -23.74
C1 MPD G . -27.06 -11.73 -1.26
C2 MPD G . -28.34 -11.41 -0.51
O2 MPD G . -29.19 -12.59 -0.53
CM MPD G . -28.01 -11.08 0.94
C3 MPD G . -29.12 -10.29 -1.19
C4 MPD G . -28.46 -8.92 -1.02
O4 MPD G . -27.55 -8.70 -2.05
C5 MPD G . -29.53 -7.83 -1.05
C1 EDO H . 2.31 -13.17 20.18
O1 EDO H . 3.05 -11.96 20.02
C2 EDO H . 2.95 -13.97 21.30
O2 EDO H . 3.24 -13.11 22.40
C1 PEG I . 17.97 -20.95 5.42
O1 PEG I . 17.39 -21.46 4.23
C2 PEG I . 19.13 -20.02 5.12
O2 PEG I . 20.03 -20.66 4.22
C3 PEG I . 20.49 -21.93 4.69
C4 PEG I . 21.66 -22.37 3.88
O4 PEG I . 22.83 -21.63 4.20
C1 EDO J . 22.81 -3.11 20.77
O1 EDO J . 22.08 -3.76 19.73
C2 EDO J . 24.00 -3.98 21.16
O2 EDO J . 24.53 -3.54 22.41
C1 EDO K . -7.97 -15.89 -23.44
O1 EDO K . -7.81 -14.61 -24.06
C2 EDO K . -9.39 -16.37 -23.67
O2 EDO K . -9.34 -17.57 -24.44
C1 MPD L . -26.06 3.45 -24.61
C2 MPD L . -26.62 4.07 -23.34
O2 MPD L . -27.64 5.04 -23.70
CM MPD L . -25.51 4.78 -22.56
C3 MPD L . -27.26 2.97 -22.48
C4 MPD L . -26.20 2.08 -21.82
O4 MPD L . -26.44 2.00 -20.44
C5 MPD L . -26.20 0.68 -22.41
C1 EDO M . -6.41 6.19 -2.49
O1 EDO M . -7.46 6.90 -1.84
C2 EDO M . -5.69 5.31 -1.47
O2 EDO M . -5.21 6.12 -0.39
C1 EDO N . -21.87 10.46 13.05
O1 EDO N . -22.58 9.25 13.28
C2 EDO N . -20.95 10.78 14.23
O2 EDO N . -21.70 11.06 15.42
C1 EDO O . -17.07 -2.22 -2.78
O1 EDO O . -16.71 -1.73 -4.08
C2 EDO O . -16.16 -1.73 -1.69
O2 EDO O . -16.13 -0.31 -1.76
#